data_3KS9
#
_entry.id   3KS9
#
_cell.length_a   79.230
_cell.length_b   96.546
_cell.length_c   97.545
_cell.angle_alpha   90.000
_cell.angle_beta   106.670
_cell.angle_gamma   90.000
#
_symmetry.space_group_name_H-M   'P 1 21 1'
#
loop_
_entity.id
_entity.type
_entity.pdbx_description
1 polymer 'Metabotropic glutamate receptor 1'
2 non-polymer 2-[(1S,2S)-2-carboxycyclopropyl]-3-(9H-xanthen-9-yl)-D-alanine
3 non-polymer 'MAGNESIUM ION'
4 non-polymer 2-acetamido-2-deoxy-beta-D-glucopyranose
5 water water
#
_entity_poly.entity_id   1
_entity_poly.type   'polypeptide(L)'
_entity_poly.pdbx_seq_one_letter_code
;LLAGASSQRSVARMDGDVIIGALFSVHHQPPAEKVPERKCGEIREQYGIQRVEAMFHTLDKINADPVLLPNITLGSEIRD
SCWHSSVALEQSIEFIRDSLISIRDEKDGINRCLPDGQSLPPGRTKKPIAGVIGPGSSSVAIQVQNLLQLFDIPQIAYSA
TSIDLSDKTLYKYFLRVVPSDTLQARAMLDIVKRYNWTYVSAVHTEGNYGESGMDAFKELAAQEGLSIAHSDKIYSNAGE
KSFDRLLRKLRERLPKARVVVCFCEGMTVRGLLSAMRRLGVVGEFSLIGSDGWADRDEVIEGYEVEANGGITIKLQSPEV
RSFDDYFLKLRLDTNTRNPWFPEFWQHRFQCRLPGHLLENPNFKRICTGNESLEENYVQDSKMGFVINAIYAMAHGLQNM
HHALCPGHVGLCDAMKPIDGSKLLDFLIKSSFIGVSGEEVWFDEKGDAPGRYDIMNLQYTEANRYDYVHVGTWHEGVLNI
DDYKIQMNKSGLVPRG
;
_entity_poly.pdbx_strand_id   A,B
#
# COMPACT_ATOMS: atom_id res chain seq x y z
N GLN A 8 4.55 22.37 -13.03
CA GLN A 8 5.65 23.21 -13.61
C GLN A 8 6.98 22.44 -13.70
N ARG A 9 6.96 21.16 -13.34
CA ARG A 9 8.13 20.30 -13.43
C ARG A 9 8.49 20.10 -14.92
N SER A 10 9.78 20.03 -15.23
CA SER A 10 10.23 19.77 -16.61
C SER A 10 9.77 18.40 -17.17
N VAL A 11 9.67 18.34 -18.50
CA VAL A 11 9.19 17.17 -19.26
C VAL A 11 10.06 17.04 -20.50
N ALA A 12 10.57 15.85 -20.75
CA ALA A 12 11.33 15.60 -21.95
C ALA A 12 10.38 15.07 -23.02
N ARG A 13 10.34 15.74 -24.16
CA ARG A 13 9.36 15.42 -25.20
C ARG A 13 9.95 15.14 -26.56
N MET A 14 9.22 14.34 -27.33
CA MET A 14 9.52 14.08 -28.73
C MET A 14 8.14 13.87 -29.34
N ASP A 15 7.84 14.57 -30.42
CA ASP A 15 6.50 14.39 -31.02
C ASP A 15 6.57 13.20 -31.97
N GLY A 16 5.43 12.54 -32.16
CA GLY A 16 5.31 11.51 -33.15
C GLY A 16 3.84 11.12 -33.19
N ASP A 17 3.52 10.12 -34.00
CA ASP A 17 2.15 9.69 -34.19
C ASP A 17 1.55 9.13 -32.92
N VAL A 18 2.36 8.38 -32.18
CA VAL A 18 1.90 7.73 -30.92
C VAL A 18 2.89 8.12 -29.82
N ILE A 19 2.37 8.61 -28.71
CA ILE A 19 3.19 9.09 -27.60
C ILE A 19 3.27 8.03 -26.48
N ILE A 20 4.51 7.69 -26.14
CA ILE A 20 4.78 6.78 -25.02
C ILE A 20 5.23 7.60 -23.82
N GLY A 21 4.52 7.49 -22.71
CA GLY A 21 4.90 8.11 -21.46
C GLY A 21 5.98 7.32 -20.74
N ALA A 22 6.75 8.00 -19.89
CA ALA A 22 7.78 7.37 -19.06
C ALA A 22 7.94 8.11 -17.74
N LEU A 23 8.26 7.36 -16.69
CA LEU A 23 8.60 7.92 -15.40
C LEU A 23 9.97 7.40 -15.01
N PHE A 24 10.97 8.28 -14.93
CA PHE A 24 12.28 7.89 -14.45
C PHE A 24 12.68 8.74 -13.25
N SER A 25 13.60 8.23 -12.44
CA SER A 25 14.03 8.94 -11.25
C SER A 25 15.12 9.92 -11.68
N VAL A 26 14.75 11.02 -12.34
CA VAL A 26 15.75 12.00 -12.80
C VAL A 26 16.45 12.66 -11.61
N HIS A 27 15.71 12.83 -10.51
CA HIS A 27 16.26 13.29 -9.23
C HIS A 27 15.99 12.29 -8.12
N HIS A 28 16.78 12.40 -7.05
CA HIS A 28 16.54 11.68 -5.80
C HIS A 28 15.25 12.16 -5.14
N GLN A 29 14.77 11.40 -4.17
CA GLN A 29 13.51 11.76 -3.50
C GLN A 29 13.65 13.06 -2.69
N PRO A 30 12.52 13.73 -2.39
CA PRO A 30 12.60 14.92 -1.55
C PRO A 30 13.32 14.62 -0.24
N PRO A 31 14.29 15.48 0.14
CA PRO A 31 14.82 15.39 1.49
C PRO A 31 13.68 15.54 2.51
N ALA A 32 13.83 14.91 3.68
CA ALA A 32 12.82 14.94 4.76
C ALA A 32 12.05 16.27 4.88
N GLU A 33 12.79 17.39 4.89
CA GLU A 33 12.21 18.72 5.01
C GLU A 33 11.44 19.18 3.75
N LYS A 34 11.86 18.69 2.59
CA LYS A 34 11.29 19.11 1.30
C LYS A 34 10.05 18.29 0.89
N VAL A 35 9.66 17.33 1.72
CA VAL A 35 8.61 16.37 1.37
C VAL A 35 7.22 16.98 1.04
N PRO A 36 6.67 17.87 1.91
CA PRO A 36 5.32 18.41 1.62
C PRO A 36 5.24 19.28 0.37
N GLU A 37 6.33 19.98 0.05
CA GLU A 37 6.40 20.80 -1.17
C GLU A 37 6.68 19.97 -2.42
N ARG A 38 7.05 18.70 -2.23
CA ARG A 38 7.45 17.81 -3.32
C ARG A 38 8.61 18.37 -4.14
N LYS A 39 9.59 18.95 -3.44
CA LYS A 39 10.82 19.43 -4.06
C LYS A 39 11.89 18.34 -3.93
N CYS A 40 12.48 17.96 -5.05
CA CYS A 40 13.27 16.74 -5.10
C CYS A 40 14.72 16.93 -4.68
N GLY A 41 15.44 15.82 -4.56
CA GLY A 41 16.85 15.83 -4.20
C GLY A 41 17.74 16.09 -5.40
N GLU A 42 18.98 15.62 -5.34
CA GLU A 42 19.92 15.85 -6.44
C GLU A 42 19.66 14.95 -7.64
N ILE A 43 20.08 15.45 -8.79
CA ILE A 43 20.00 14.73 -10.05
C ILE A 43 20.77 13.39 -10.05
N ARG A 44 20.26 12.42 -10.81
CA ARG A 44 20.78 11.06 -10.82
C ARG A 44 21.16 10.71 -12.22
N GLU A 45 22.31 10.05 -12.38
CA GLU A 45 22.71 9.65 -13.70
C GLU A 45 22.15 8.28 -14.12
N GLN A 46 22.52 7.22 -13.39
CA GLN A 46 22.19 5.86 -13.78
C GLN A 46 20.68 5.56 -13.76
N TYR A 47 19.97 6.04 -12.74
CA TYR A 47 18.51 5.80 -12.60
C TYR A 47 17.67 6.88 -13.29
N GLY A 48 18.36 7.90 -13.79
CA GLY A 48 17.71 9.12 -14.27
C GLY A 48 18.14 9.53 -15.65
N ILE A 49 19.19 10.34 -15.73
CA ILE A 49 19.62 10.89 -17.01
C ILE A 49 19.91 9.82 -18.07
N GLN A 50 20.62 8.76 -17.69
CA GLN A 50 20.91 7.68 -18.63
C GLN A 50 19.65 7.06 -19.21
N ARG A 51 18.63 6.90 -18.38
CA ARG A 51 17.37 6.32 -18.81
C ARG A 51 16.56 7.26 -19.72
N VAL A 52 16.48 8.54 -19.36
CA VAL A 52 15.87 9.53 -20.26
C VAL A 52 16.51 9.43 -21.64
N GLU A 53 17.84 9.41 -21.65
CA GLU A 53 18.58 9.35 -22.89
C GLU A 53 18.41 8.03 -23.64
N ALA A 54 18.37 6.91 -22.91
CA ALA A 54 18.16 5.62 -23.54
C ALA A 54 16.80 5.62 -24.23
N MET A 55 15.79 6.21 -23.59
CA MET A 55 14.46 6.29 -24.18
C MET A 55 14.44 7.10 -25.49
N PHE A 56 15.06 8.28 -25.48
CA PHE A 56 15.21 9.09 -26.70
C PHE A 56 15.90 8.28 -27.80
N HIS A 57 17.05 7.69 -27.48
CA HIS A 57 17.82 6.97 -28.48
C HIS A 57 17.11 5.71 -29.02
N THR A 58 16.38 5.01 -28.14
CA THR A 58 15.64 3.80 -28.54
C THR A 58 14.48 4.17 -29.46
N LEU A 59 13.75 5.24 -29.14
CA LEU A 59 12.70 5.71 -30.03
C LEU A 59 13.25 6.10 -31.39
N ASP A 60 14.41 6.77 -31.43
CA ASP A 60 15.03 7.11 -32.71
C ASP A 60 15.35 5.85 -33.51
N LYS A 61 15.84 4.81 -32.84
CA LYS A 61 16.18 3.55 -33.48
C LYS A 61 14.93 2.86 -34.01
N ILE A 62 13.86 2.86 -33.20
CA ILE A 62 12.63 2.23 -33.66
C ILE A 62 12.08 2.99 -34.89
N ASN A 63 12.12 4.32 -34.81
CA ASN A 63 11.60 5.17 -35.89
C ASN A 63 12.37 5.02 -37.21
N ALA A 64 13.69 4.84 -37.13
CA ALA A 64 14.52 4.60 -38.30
C ALA A 64 14.46 3.17 -38.82
N ASP A 65 13.77 2.29 -38.11
CA ASP A 65 13.71 0.86 -38.45
C ASP A 65 12.57 0.59 -39.44
N PRO A 66 12.91 0.11 -40.66
CA PRO A 66 11.89 -0.17 -41.68
C PRO A 66 11.03 -1.41 -41.37
N VAL A 67 11.49 -2.29 -40.48
CA VAL A 67 10.76 -3.54 -40.21
C VAL A 67 9.75 -3.42 -39.05
N LEU A 68 10.03 -2.57 -38.07
CA LEU A 68 9.12 -2.42 -36.92
C LEU A 68 8.42 -1.08 -37.02
N LEU A 69 7.09 -1.09 -36.99
CA LEU A 69 6.28 0.13 -37.17
C LEU A 69 6.76 0.97 -38.37
N PRO A 70 6.75 0.39 -39.59
CA PRO A 70 7.35 1.09 -40.75
C PRO A 70 6.75 2.48 -41.03
N ASN A 71 5.47 2.65 -40.78
CA ASN A 71 4.78 3.90 -41.16
C ASN A 71 4.15 4.67 -40.00
N ILE A 72 4.44 4.27 -38.75
CA ILE A 72 3.90 4.90 -37.55
C ILE A 72 5.05 5.29 -36.63
N THR A 73 5.18 6.58 -36.36
CA THR A 73 6.26 7.08 -35.52
C THR A 73 5.89 7.10 -34.04
N LEU A 74 6.89 6.87 -33.21
CA LEU A 74 6.72 6.95 -31.76
C LEU A 74 7.28 8.23 -31.21
N GLY A 75 6.51 8.86 -30.32
CA GLY A 75 6.98 10.03 -29.57
C GLY A 75 7.07 9.71 -28.08
N SER A 76 7.45 10.69 -27.27
CA SER A 76 7.61 10.47 -25.84
C SER A 76 7.14 11.65 -25.00
N GLU A 77 6.71 11.32 -23.79
CA GLU A 77 6.51 12.29 -22.74
C GLU A 77 7.11 11.70 -21.48
N ILE A 78 8.30 12.16 -21.16
CA ILE A 78 9.14 11.57 -20.10
C ILE A 78 9.10 12.49 -18.88
N ARG A 79 8.62 11.96 -17.76
CA ARG A 79 8.47 12.71 -16.52
C ARG A 79 9.35 12.17 -15.41
N ASP A 80 9.56 13.00 -14.40
CA ASP A 80 10.44 12.69 -13.28
C ASP A 80 9.58 12.15 -12.16
N SER A 81 9.94 10.97 -11.67
CA SER A 81 9.22 10.37 -10.53
C SER A 81 9.80 10.81 -9.18
N CYS A 82 11.04 11.31 -9.21
CA CYS A 82 11.89 11.49 -8.02
C CYS A 82 11.93 10.32 -7.04
N TRP A 83 11.80 9.09 -7.54
CA TRP A 83 11.77 7.91 -6.68
C TRP A 83 10.83 8.11 -5.49
N HIS A 84 9.66 8.69 -5.75
CA HIS A 84 8.77 9.02 -4.66
C HIS A 84 7.32 8.91 -5.09
N SER A 85 6.52 8.23 -4.27
CA SER A 85 5.14 7.99 -4.62
C SER A 85 4.32 9.28 -4.90
N SER A 86 4.53 10.31 -4.07
CA SER A 86 3.81 11.56 -4.24
C SER A 86 4.09 12.25 -5.53
N VAL A 87 5.37 12.33 -5.87
CA VAL A 87 5.76 12.97 -7.09
C VAL A 87 5.30 12.14 -8.31
N ALA A 88 5.50 10.82 -8.27
CA ALA A 88 5.08 9.96 -9.36
C ALA A 88 3.57 10.10 -9.61
N LEU A 89 2.81 10.20 -8.52
CA LEU A 89 1.36 10.32 -8.67
C LEU A 89 1.02 11.69 -9.29
N GLU A 90 1.63 12.74 -8.75
CA GLU A 90 1.48 14.09 -9.30
C GLU A 90 1.77 14.10 -10.80
N GLN A 91 2.87 13.47 -11.19
CA GLN A 91 3.24 13.41 -12.60
C GLN A 91 2.33 12.53 -13.44
N SER A 92 1.78 11.47 -12.84
CA SER A 92 0.89 10.57 -13.57
C SER A 92 -0.42 11.30 -13.91
N ILE A 93 -0.90 12.11 -12.96
CA ILE A 93 -2.04 12.99 -13.22
C ILE A 93 -1.71 13.91 -14.41
N GLU A 94 -0.49 14.43 -14.48
CA GLU A 94 -0.13 15.25 -15.63
C GLU A 94 -0.30 14.49 -16.94
N PHE A 95 -0.03 13.18 -16.95
CA PHE A 95 -0.20 12.36 -18.17
C PHE A 95 -1.64 12.40 -18.65
N ILE A 96 -2.57 12.35 -17.71
CA ILE A 96 -3.99 12.18 -18.04
C ILE A 96 -4.80 13.48 -17.95
N ARG A 97 -4.12 14.58 -17.66
CA ARG A 97 -4.76 15.86 -17.33
C ARG A 97 -5.65 16.43 -18.43
N ASP A 98 -5.09 16.58 -19.63
CA ASP A 98 -5.85 17.09 -20.79
C ASP A 98 -7.10 16.23 -21.06
N SER A 99 -6.93 14.91 -21.05
CA SER A 99 -8.01 13.95 -21.25
C SER A 99 -9.10 14.07 -20.19
N LEU A 100 -8.89 14.96 -19.23
CA LEU A 100 -9.72 15.08 -18.04
C LEU A 100 -10.05 16.55 -17.74
N LYS A 127 -1.99 15.30 -27.28
CA LYS A 127 -1.92 13.89 -27.64
C LYS A 127 -1.91 13.05 -26.36
N PRO A 128 -2.92 12.17 -26.18
CA PRO A 128 -2.92 11.30 -24.99
C PRO A 128 -1.80 10.25 -25.08
N ILE A 129 -1.24 9.83 -23.95
CA ILE A 129 -0.20 8.80 -24.00
C ILE A 129 -0.82 7.42 -24.21
N ALA A 130 -0.16 6.58 -25.01
CA ALA A 130 -0.70 5.23 -25.27
C ALA A 130 -0.39 4.24 -24.13
N GLY A 131 0.76 4.44 -23.50
CA GLY A 131 1.18 3.61 -22.36
C GLY A 131 2.35 4.26 -21.62
N VAL A 132 2.73 3.66 -20.50
CA VAL A 132 3.78 4.22 -19.66
C VAL A 132 4.86 3.17 -19.39
N ILE A 133 6.11 3.59 -19.51
CA ILE A 133 7.27 2.86 -19.07
C ILE A 133 7.65 3.35 -17.63
N GLY A 134 7.79 2.43 -16.69
CA GLY A 134 8.21 2.80 -15.33
C GLY A 134 7.03 2.79 -14.38
N PRO A 135 7.21 3.34 -13.16
CA PRO A 135 8.44 3.84 -12.55
C PRO A 135 9.32 2.67 -12.06
N GLY A 136 10.44 3.01 -11.41
CA GLY A 136 11.46 2.04 -11.04
C GLY A 136 11.15 1.10 -9.88
N SER A 137 10.62 1.62 -8.79
CA SER A 137 10.48 0.83 -7.57
C SER A 137 9.06 0.28 -7.46
N SER A 138 8.92 -0.89 -6.83
CA SER A 138 7.62 -1.56 -6.73
C SER A 138 6.56 -0.76 -5.98
N SER A 139 6.91 -0.14 -4.85
CA SER A 139 5.90 0.59 -4.05
C SER A 139 5.35 1.77 -4.86
N VAL A 140 6.22 2.46 -5.57
CA VAL A 140 5.84 3.57 -6.41
C VAL A 140 5.08 3.10 -7.66
N ALA A 141 5.49 1.98 -8.24
CA ALA A 141 4.82 1.42 -9.42
C ALA A 141 3.37 1.09 -9.07
N ILE A 142 3.16 0.60 -7.86
CA ILE A 142 1.80 0.22 -7.40
C ILE A 142 0.90 1.46 -7.34
N GLN A 143 1.41 2.56 -6.75
CA GLN A 143 0.68 3.85 -6.68
C GLN A 143 0.28 4.35 -8.05
N VAL A 144 1.24 4.32 -8.98
CA VAL A 144 1.00 4.73 -10.35
C VAL A 144 -0.03 3.86 -11.07
N GLN A 145 0.07 2.54 -10.90
CA GLN A 145 -0.86 1.57 -11.52
C GLN A 145 -2.29 1.78 -11.04
N ASN A 146 -2.44 2.09 -9.76
CA ASN A 146 -3.76 2.33 -9.18
C ASN A 146 -4.45 3.51 -9.87
N LEU A 147 -3.67 4.49 -10.34
CA LEU A 147 -4.20 5.62 -11.13
C LEU A 147 -4.35 5.24 -12.61
N LEU A 148 -3.28 4.72 -13.23
CA LEU A 148 -3.28 4.44 -14.66
C LEU A 148 -4.38 3.51 -15.11
N GLN A 149 -4.69 2.52 -14.27
CA GLN A 149 -5.66 1.51 -14.66
C GLN A 149 -7.06 2.11 -14.79
N LEU A 150 -7.31 3.23 -14.10
CA LEU A 150 -8.62 3.89 -14.16
C LEU A 150 -8.85 4.49 -15.53
N PHE A 151 -7.75 4.76 -16.24
CA PHE A 151 -7.76 5.33 -17.59
C PHE A 151 -7.35 4.33 -18.68
N ASP A 152 -7.33 3.04 -18.33
CA ASP A 152 -6.96 1.95 -19.25
C ASP A 152 -5.60 2.19 -19.94
N ILE A 153 -4.62 2.66 -19.19
CA ILE A 153 -3.29 2.93 -19.76
C ILE A 153 -2.33 1.81 -19.34
N PRO A 154 -1.84 1.00 -20.30
CA PRO A 154 -0.95 -0.12 -19.95
C PRO A 154 0.37 0.39 -19.40
N GLN A 155 0.89 -0.31 -18.40
CA GLN A 155 2.13 0.15 -17.78
C GLN A 155 3.15 -0.98 -17.83
N ILE A 156 4.36 -0.70 -18.33
CA ILE A 156 5.38 -1.72 -18.41
C ILE A 156 6.59 -1.30 -17.56
N ALA A 157 6.85 -2.10 -16.53
CA ALA A 157 7.96 -1.82 -15.62
C ALA A 157 9.23 -2.55 -16.09
N TYR A 158 10.39 -1.98 -15.76
CA TYR A 158 11.71 -2.54 -16.11
C TYR A 158 12.53 -3.01 -14.88
N SER A 159 12.12 -2.62 -13.68
CA SER A 159 12.87 -2.96 -12.46
C SER A 159 12.01 -3.28 -11.23
N ALA A 160 10.69 -3.16 -11.36
CA ALA A 160 9.78 -3.48 -10.27
C ALA A 160 9.50 -4.98 -10.15
N THR A 161 10.02 -5.60 -9.10
CA THR A 161 10.07 -7.07 -9.02
C THR A 161 9.08 -7.63 -8.00
N SER A 162 8.32 -6.76 -7.34
CA SER A 162 7.45 -7.21 -6.27
C SER A 162 6.45 -8.27 -6.76
N ILE A 163 6.25 -9.28 -5.92
CA ILE A 163 5.32 -10.41 -6.16
C ILE A 163 3.84 -9.97 -6.19
N ASP A 164 3.53 -8.90 -5.46
CA ASP A 164 2.15 -8.37 -5.36
C ASP A 164 1.63 -7.93 -6.72
N LEU A 165 2.54 -7.40 -7.54
CA LEU A 165 2.16 -6.87 -8.84
C LEU A 165 1.71 -7.89 -9.87
N SER A 166 1.90 -9.19 -9.59
CA SER A 166 1.36 -10.29 -10.41
C SER A 166 -0.14 -10.51 -10.20
N ASP A 167 -0.71 -9.83 -9.21
CA ASP A 167 -2.15 -9.94 -8.90
C ASP A 167 -2.95 -9.06 -9.88
N LYS A 168 -3.56 -9.69 -10.88
CA LYS A 168 -4.26 -8.94 -11.93
C LYS A 168 -5.66 -8.46 -11.51
N THR A 169 -6.16 -8.98 -10.38
CA THR A 169 -7.38 -8.38 -9.82
C THR A 169 -7.14 -6.96 -9.28
N LEU A 170 -5.88 -6.63 -8.95
CA LEU A 170 -5.56 -5.31 -8.39
C LEU A 170 -4.79 -4.46 -9.41
N TYR A 171 -4.01 -5.15 -10.25
CA TYR A 171 -3.08 -4.48 -11.15
C TYR A 171 -3.27 -4.99 -12.59
N LYS A 172 -4.51 -4.91 -13.08
CA LYS A 172 -4.87 -5.39 -14.44
C LYS A 172 -3.94 -4.85 -15.53
N TYR A 173 -3.59 -3.56 -15.42
CA TYR A 173 -2.90 -2.89 -16.52
C TYR A 173 -1.39 -2.88 -16.40
N PHE A 174 -0.87 -3.69 -15.49
CA PHE A 174 0.57 -3.72 -15.22
C PHE A 174 1.23 -4.94 -15.87
N LEU A 175 2.40 -4.74 -16.49
CA LEU A 175 3.19 -5.87 -16.94
C LEU A 175 4.67 -5.41 -16.87
N ARG A 176 5.57 -6.34 -17.09
CA ARG A 176 7.00 -6.04 -16.86
C ARG A 176 7.91 -6.98 -17.63
N VAL A 177 9.11 -6.47 -17.90
CA VAL A 177 10.10 -7.25 -18.60
C VAL A 177 11.15 -7.82 -17.60
N VAL A 178 10.99 -7.55 -16.31
CA VAL A 178 11.90 -8.04 -15.27
C VAL A 178 11.17 -9.14 -14.50
N PRO A 179 11.90 -10.22 -14.13
CA PRO A 179 11.25 -11.29 -13.40
C PRO A 179 10.76 -10.89 -12.01
N SER A 180 9.66 -11.50 -11.61
CA SER A 180 9.16 -11.35 -10.28
C SER A 180 10.12 -12.05 -9.31
N ASP A 181 10.24 -11.51 -8.11
CA ASP A 181 11.08 -12.13 -7.06
C ASP A 181 10.69 -13.54 -6.67
N THR A 182 9.45 -13.92 -7.00
CA THR A 182 9.08 -15.30 -6.80
C THR A 182 10.01 -16.27 -7.56
N LEU A 183 10.63 -15.80 -8.66
CA LEU A 183 11.54 -16.67 -9.41
C LEU A 183 12.88 -16.85 -8.72
N GLN A 184 13.26 -15.87 -7.89
CA GLN A 184 14.32 -16.06 -6.89
C GLN A 184 14.00 -17.18 -5.91
N ALA A 185 12.80 -17.19 -5.35
CA ALA A 185 12.47 -18.27 -4.44
C ALA A 185 12.66 -19.58 -5.19
N ARG A 186 12.19 -19.64 -6.44
CA ARG A 186 12.23 -20.85 -7.25
C ARG A 186 13.68 -21.27 -7.49
N ALA A 187 14.50 -20.31 -7.87
CA ALA A 187 15.89 -20.65 -8.16
C ALA A 187 16.62 -21.16 -6.90
N MET A 188 16.44 -20.48 -5.79
CA MET A 188 17.07 -20.88 -4.55
C MET A 188 16.65 -22.28 -4.15
N LEU A 189 15.36 -22.58 -4.27
CA LEU A 189 14.92 -23.93 -3.99
C LEU A 189 15.53 -24.96 -4.95
N ASP A 190 15.66 -24.59 -6.23
CA ASP A 190 16.28 -25.51 -7.20
C ASP A 190 17.74 -25.84 -6.80
N ILE A 191 18.45 -24.83 -6.30
CA ILE A 191 19.81 -25.02 -5.79
C ILE A 191 19.82 -26.00 -4.60
N VAL A 192 18.93 -25.78 -3.65
CA VAL A 192 18.80 -26.68 -2.49
C VAL A 192 18.56 -28.13 -2.92
N LYS A 193 17.60 -28.32 -3.83
CA LYS A 193 17.22 -29.65 -4.33
C LYS A 193 18.31 -30.31 -5.16
N ARG A 194 19.10 -29.51 -5.89
CA ARG A 194 20.20 -30.03 -6.69
C ARG A 194 21.19 -30.82 -5.86
N TYR A 195 21.41 -30.39 -4.61
CA TYR A 195 22.36 -31.04 -3.73
C TYR A 195 21.67 -31.97 -2.74
N ASN A 196 20.41 -32.27 -3.01
CA ASN A 196 19.65 -33.28 -2.25
C ASN A 196 19.47 -33.00 -0.76
N TRP A 197 19.46 -31.72 -0.39
CA TRP A 197 19.18 -31.35 0.99
C TRP A 197 17.69 -31.48 1.28
N THR A 198 17.34 -31.94 2.48
CA THR A 198 15.92 -32.09 2.86
C THR A 198 15.53 -31.23 4.08
N TYR A 199 16.54 -30.67 4.73
N TYR A 199 16.51 -30.50 4.61
CA TYR A 199 16.34 -29.68 5.80
CA TYR A 199 16.39 -29.73 5.85
C TYR A 199 17.19 -28.47 5.48
C TYR A 199 17.26 -28.46 5.76
N VAL A 200 16.63 -27.29 5.72
CA VAL A 200 17.38 -26.02 5.65
C VAL A 200 16.86 -25.06 6.71
N SER A 201 17.68 -24.12 7.17
CA SER A 201 17.12 -23.01 7.92
C SER A 201 16.72 -21.88 6.95
N ALA A 202 15.90 -20.94 7.45
CA ALA A 202 15.30 -19.90 6.62
C ALA A 202 15.30 -18.58 7.34
N VAL A 203 16.01 -17.60 6.78
CA VAL A 203 16.07 -16.27 7.39
C VAL A 203 15.58 -15.27 6.38
N HIS A 204 14.71 -14.35 6.78
CA HIS A 204 14.40 -13.25 5.88
C HIS A 204 14.42 -11.89 6.58
N THR A 205 14.57 -10.83 5.80
CA THR A 205 14.43 -9.47 6.29
C THR A 205 12.93 -9.12 6.37
N GLU A 206 12.53 -8.40 7.42
CA GLU A 206 11.17 -7.82 7.49
C GLU A 206 10.89 -6.91 6.28
N GLY A 207 9.62 -6.82 5.88
CA GLY A 207 9.22 -5.94 4.77
C GLY A 207 8.77 -6.76 3.58
N ASN A 208 8.21 -6.10 2.56
N ASN A 208 8.26 -6.07 2.57
CA ASN A 208 7.67 -6.81 1.39
CA ASN A 208 7.66 -6.72 1.40
C ASN A 208 8.71 -7.74 0.74
C ASN A 208 8.64 -7.59 0.56
N TYR A 209 9.92 -7.22 0.51
CA TYR A 209 10.90 -7.99 -0.23
C TYR A 209 11.23 -9.35 0.41
N GLY A 210 11.68 -9.32 1.66
CA GLY A 210 12.04 -10.53 2.38
C GLY A 210 10.87 -11.43 2.70
N GLU A 211 9.77 -10.85 3.11
CA GLU A 211 8.63 -11.67 3.59
C GLU A 211 7.90 -12.37 2.44
N SER A 212 7.60 -11.65 1.36
CA SER A 212 6.93 -12.33 0.25
C SER A 212 7.87 -13.31 -0.48
N GLY A 213 9.14 -12.96 -0.61
CA GLY A 213 10.10 -13.88 -1.18
C GLY A 213 10.16 -15.17 -0.37
N MET A 214 10.26 -15.04 0.96
CA MET A 214 10.34 -16.23 1.82
C MET A 214 9.04 -17.01 1.83
N ASP A 215 7.93 -16.29 1.84
CA ASP A 215 6.62 -16.96 1.78
C ASP A 215 6.52 -17.85 0.52
N ALA A 216 7.02 -17.34 -0.60
CA ALA A 216 7.02 -18.11 -1.84
C ALA A 216 7.91 -19.33 -1.71
N PHE A 217 9.12 -19.14 -1.17
CA PHE A 217 10.04 -20.25 -0.95
C PHE A 217 9.44 -21.34 -0.06
N LYS A 218 8.87 -20.95 1.06
CA LYS A 218 8.30 -21.93 2.01
C LYS A 218 7.11 -22.67 1.41
N GLU A 219 6.29 -21.98 0.64
CA GLU A 219 5.17 -22.64 -0.06
C GLU A 219 5.66 -23.74 -1.01
N LEU A 220 6.67 -23.43 -1.84
CA LEU A 220 7.24 -24.44 -2.72
C LEU A 220 7.93 -25.57 -1.95
N ALA A 221 8.71 -25.20 -0.92
CA ALA A 221 9.39 -26.20 -0.10
C ALA A 221 8.41 -27.26 0.46
N ALA A 222 7.27 -26.81 0.98
CA ALA A 222 6.28 -27.71 1.56
C ALA A 222 5.63 -28.61 0.51
N GLN A 223 5.55 -28.12 -0.73
CA GLN A 223 5.01 -28.93 -1.83
C GLN A 223 6.01 -29.97 -2.33
N GLU A 224 7.30 -29.76 -2.05
CA GLU A 224 8.33 -30.54 -2.70
C GLU A 224 9.21 -31.36 -1.74
N GLY A 225 8.75 -31.54 -0.51
CA GLY A 225 9.42 -32.41 0.43
C GLY A 225 10.56 -31.81 1.24
N LEU A 226 10.67 -30.49 1.28
CA LEU A 226 11.75 -29.84 2.03
C LEU A 226 11.21 -29.39 3.38
N SER A 227 11.99 -29.65 4.43
CA SER A 227 11.61 -29.28 5.79
C SER A 227 12.40 -28.05 6.25
N ILE A 228 11.72 -27.17 6.98
CA ILE A 228 12.37 -25.98 7.55
C ILE A 228 12.86 -26.25 8.97
N ALA A 229 14.15 -25.97 9.22
CA ALA A 229 14.74 -26.08 10.57
C ALA A 229 14.45 -24.79 11.36
N HIS A 230 15.46 -23.95 11.58
CA HIS A 230 15.17 -22.66 12.23
C HIS A 230 14.63 -21.63 11.24
N SER A 231 13.53 -20.96 11.60
CA SER A 231 12.94 -19.91 10.78
C SER A 231 12.97 -18.60 11.53
N ASP A 232 13.42 -17.51 10.90
CA ASP A 232 13.51 -16.22 11.56
C ASP A 232 13.26 -15.05 10.61
N LYS A 233 12.62 -14.02 11.15
CA LYS A 233 12.36 -12.75 10.48
C LYS A 233 13.18 -11.68 11.22
N ILE A 234 14.07 -11.01 10.50
CA ILE A 234 14.96 -10.04 11.12
C ILE A 234 14.61 -8.60 10.74
N TYR A 235 14.41 -7.76 11.74
CA TYR A 235 14.04 -6.35 11.52
C TYR A 235 15.19 -5.57 10.94
N SER A 236 14.86 -4.48 10.24
CA SER A 236 15.87 -3.68 9.55
C SER A 236 16.81 -3.00 10.54
N ASN A 237 16.27 -2.68 11.71
CA ASN A 237 17.00 -2.00 12.75
C ASN A 237 17.58 -2.91 13.87
N ALA A 238 17.64 -4.23 13.64
CA ALA A 238 18.06 -5.17 14.70
C ALA A 238 19.51 -4.93 15.13
N GLY A 239 19.72 -4.92 16.44
CA GLY A 239 21.06 -4.74 17.02
C GLY A 239 21.87 -6.03 17.09
N GLU A 240 23.10 -5.88 17.57
CA GLU A 240 24.06 -6.99 17.69
C GLU A 240 23.55 -8.16 18.52
N LYS A 241 22.83 -7.86 19.60
CA LYS A 241 22.25 -8.92 20.44
C LYS A 241 21.23 -9.79 19.70
N SER A 242 20.46 -9.17 18.82
CA SER A 242 19.45 -9.88 18.03
C SER A 242 20.15 -10.78 17.02
N PHE A 243 21.23 -10.27 16.40
CA PHE A 243 22.02 -11.10 15.51
C PHE A 243 22.73 -12.24 16.22
N ASP A 244 23.31 -11.95 17.40
CA ASP A 244 23.94 -12.98 18.25
C ASP A 244 22.98 -14.12 18.44
N ARG A 245 21.75 -13.77 18.80
CA ARG A 245 20.70 -14.76 19.07
C ARG A 245 20.32 -15.55 17.82
N LEU A 246 20.21 -14.85 16.68
CA LEU A 246 19.90 -15.52 15.43
C LEU A 246 20.97 -16.58 15.15
N LEU A 247 22.24 -16.20 15.28
CA LEU A 247 23.34 -17.13 15.09
C LEU A 247 23.25 -18.34 16.04
N ARG A 248 22.91 -18.11 17.30
CA ARG A 248 22.74 -19.22 18.23
C ARG A 248 21.65 -20.20 17.76
N LYS A 249 20.52 -19.66 17.30
CA LYS A 249 19.42 -20.50 16.88
C LYS A 249 19.80 -21.32 15.63
N LEU A 250 20.53 -20.69 14.72
CA LEU A 250 21.00 -21.37 13.52
C LEU A 250 21.99 -22.51 13.88
N ARG A 251 22.91 -22.24 14.81
CA ARG A 251 23.93 -23.21 15.20
C ARG A 251 23.35 -24.42 15.95
N GLU A 252 22.21 -24.21 16.61
CA GLU A 252 21.50 -25.31 17.29
C GLU A 252 21.06 -26.44 16.36
N ARG A 253 20.85 -26.13 15.09
CA ARG A 253 20.36 -27.11 14.12
C ARG A 253 21.50 -27.73 13.31
N LEU A 254 22.74 -27.37 13.62
CA LEU A 254 23.87 -28.02 12.99
C LEU A 254 24.03 -29.40 13.63
N PRO A 255 24.46 -30.42 12.83
CA PRO A 255 24.92 -30.28 11.44
C PRO A 255 23.84 -30.62 10.43
N LYS A 256 22.65 -31.00 10.89
CA LYS A 256 21.54 -31.39 10.04
C LYS A 256 21.06 -30.27 9.10
N ALA A 257 21.33 -29.01 9.48
CA ALA A 257 20.89 -27.88 8.68
C ALA A 257 22.03 -26.90 8.49
N ARG A 258 23.05 -27.34 7.79
CA ARG A 258 24.15 -26.48 7.38
C ARG A 258 23.64 -25.39 6.42
N VAL A 259 22.60 -25.70 5.67
CA VAL A 259 22.17 -24.75 4.65
C VAL A 259 21.21 -23.71 5.24
N VAL A 260 21.56 -22.45 5.04
CA VAL A 260 20.71 -21.35 5.46
C VAL A 260 20.19 -20.55 4.25
N VAL A 261 18.90 -20.59 4.02
CA VAL A 261 18.31 -19.85 2.90
C VAL A 261 17.97 -18.43 3.36
N CYS A 262 18.63 -17.44 2.75
CA CYS A 262 18.49 -16.05 3.16
C CYS A 262 17.81 -15.20 2.10
N PHE A 263 16.53 -14.94 2.30
CA PHE A 263 15.85 -13.97 1.46
C PHE A 263 15.96 -12.62 2.14
N CYS A 264 17.10 -11.97 1.92
CA CYS A 264 17.57 -10.94 2.81
C CYS A 264 18.10 -9.75 2.08
N GLU A 265 17.83 -8.59 2.66
CA GLU A 265 18.53 -7.39 2.29
C GLU A 265 19.98 -7.56 2.76
N GLY A 266 20.88 -6.88 2.07
CA GLY A 266 22.30 -7.10 2.30
C GLY A 266 22.76 -6.81 3.73
N MET A 267 22.19 -5.80 4.38
N MET A 267 22.15 -5.79 4.34
CA MET A 267 22.63 -5.46 5.75
CA MET A 267 22.49 -5.40 5.70
C MET A 267 22.11 -6.46 6.82
C MET A 267 22.23 -6.56 6.68
N THR A 268 21.13 -7.28 6.46
CA THR A 268 20.76 -8.44 7.28
C THR A 268 21.84 -9.51 7.23
N VAL A 269 22.33 -9.80 6.03
CA VAL A 269 23.45 -10.73 5.85
C VAL A 269 24.66 -10.23 6.63
N ARG A 270 24.97 -8.94 6.49
CA ARG A 270 26.14 -8.35 7.15
C ARG A 270 26.05 -8.48 8.69
N GLY A 271 24.86 -8.32 9.24
CA GLY A 271 24.65 -8.48 10.67
C GLY A 271 24.93 -9.90 11.13
N LEU A 272 24.57 -10.88 10.30
CA LEU A 272 24.90 -12.26 10.59
C LEU A 272 26.42 -12.49 10.56
N LEU A 273 27.08 -11.96 9.53
CA LEU A 273 28.53 -12.13 9.42
C LEU A 273 29.22 -11.55 10.66
N SER A 274 28.72 -10.41 11.12
CA SER A 274 29.24 -9.69 12.28
C SER A 274 29.11 -10.50 13.57
N ALA A 275 27.92 -11.07 13.79
CA ALA A 275 27.71 -12.04 14.85
C ALA A 275 28.70 -13.22 14.79
N MET A 276 28.95 -13.75 13.59
CA MET A 276 29.90 -14.85 13.44
C MET A 276 31.26 -14.43 13.95
N ARG A 277 31.70 -13.24 13.55
CA ARG A 277 32.96 -12.67 14.00
C ARG A 277 33.03 -12.59 15.53
N ARG A 278 31.97 -12.08 16.15
CA ARG A 278 31.95 -11.89 17.61
C ARG A 278 32.04 -13.23 18.34
N LEU A 279 31.37 -14.26 17.82
CA LEU A 279 31.41 -15.60 18.40
C LEU A 279 32.74 -16.30 18.12
N GLY A 280 33.40 -15.92 17.03
CA GLY A 280 34.69 -16.50 16.66
C GLY A 280 34.53 -17.82 15.93
N VAL A 281 33.47 -17.92 15.13
CA VAL A 281 33.19 -19.10 14.33
C VAL A 281 33.26 -18.79 12.82
N VAL A 282 33.66 -19.77 12.02
CA VAL A 282 33.91 -19.62 10.58
C VAL A 282 33.45 -20.89 9.87
N GLY A 283 32.75 -20.72 8.74
CA GLY A 283 32.54 -21.81 7.79
C GLY A 283 31.67 -22.99 8.17
N GLU A 284 30.79 -22.79 9.14
N GLU A 284 30.77 -22.81 9.13
CA GLU A 284 29.88 -23.84 9.60
CA GLU A 284 29.88 -23.89 9.58
C GLU A 284 28.69 -24.03 8.65
C GLU A 284 28.57 -23.96 8.81
N PHE A 285 28.28 -22.94 7.99
CA PHE A 285 27.04 -22.94 7.23
C PHE A 285 27.27 -22.84 5.73
N SER A 286 26.27 -23.25 4.98
CA SER A 286 26.21 -22.88 3.56
C SER A 286 25.10 -21.83 3.38
N LEU A 287 25.49 -20.57 3.28
CA LEU A 287 24.50 -19.49 3.10
C LEU A 287 24.10 -19.38 1.62
N ILE A 288 22.80 -19.47 1.33
CA ILE A 288 22.28 -19.21 -0.04
C ILE A 288 21.45 -17.94 -0.01
N GLY A 289 21.92 -16.89 -0.68
CA GLY A 289 21.31 -15.57 -0.54
C GLY A 289 20.60 -15.12 -1.79
N SER A 290 19.55 -14.31 -1.60
CA SER A 290 18.84 -13.67 -2.69
C SER A 290 19.62 -12.45 -3.15
N ASP A 291 19.05 -11.71 -4.10
CA ASP A 291 19.76 -10.62 -4.76
C ASP A 291 19.95 -9.34 -3.91
N GLY A 292 19.33 -9.31 -2.73
CA GLY A 292 19.67 -8.34 -1.68
C GLY A 292 21.16 -8.39 -1.36
N TRP A 293 21.75 -9.57 -1.45
CA TRP A 293 23.17 -9.77 -1.26
C TRP A 293 23.88 -9.72 -2.61
N ALA A 294 23.47 -10.60 -3.54
CA ALA A 294 24.02 -10.63 -4.90
C ALA A 294 25.54 -10.64 -4.87
N ASP A 295 26.19 -9.74 -5.61
CA ASP A 295 27.66 -9.61 -5.59
C ASP A 295 28.16 -8.33 -4.90
N ARG A 296 27.45 -7.87 -3.87
CA ARG A 296 27.80 -6.62 -3.20
C ARG A 296 29.01 -6.75 -2.28
N ASP A 297 30.07 -6.02 -2.63
CA ASP A 297 31.27 -5.93 -1.81
C ASP A 297 31.00 -5.34 -0.43
N GLU A 298 30.07 -4.38 -0.35
CA GLU A 298 29.80 -3.70 0.91
C GLU A 298 29.18 -4.62 1.97
N VAL A 299 28.50 -5.68 1.55
CA VAL A 299 27.91 -6.64 2.48
C VAL A 299 29.00 -7.40 3.24
N ILE A 300 30.09 -7.75 2.56
CA ILE A 300 31.11 -8.63 3.11
C ILE A 300 32.43 -7.93 3.45
N GLU A 301 32.53 -6.63 3.16
CA GLU A 301 33.77 -5.87 3.46
C GLU A 301 34.15 -6.02 4.95
N GLY A 302 35.37 -6.46 5.21
CA GLY A 302 35.86 -6.67 6.56
C GLY A 302 35.44 -7.99 7.20
N TYR A 303 34.66 -8.78 6.46
CA TYR A 303 34.11 -10.03 6.95
C TYR A 303 34.20 -11.11 5.88
N GLU A 304 35.22 -11.00 5.02
CA GLU A 304 35.39 -11.91 3.91
C GLU A 304 35.62 -13.35 4.38
N VAL A 305 36.39 -13.52 5.45
CA VAL A 305 36.63 -14.85 6.02
C VAL A 305 35.32 -15.53 6.45
N GLU A 306 34.44 -14.78 7.09
CA GLU A 306 33.15 -15.34 7.50
C GLU A 306 32.21 -15.60 6.31
N ALA A 307 32.27 -14.76 5.29
CA ALA A 307 31.35 -14.87 4.17
C ALA A 307 31.75 -15.93 3.15
N ASN A 308 33.05 -16.24 3.12
CA ASN A 308 33.60 -17.21 2.17
C ASN A 308 32.79 -18.49 2.06
N GLY A 309 32.48 -18.89 0.81
CA GLY A 309 31.65 -20.07 0.59
C GLY A 309 30.18 -19.75 0.31
N GLY A 310 29.77 -18.52 0.61
CA GLY A 310 28.39 -18.08 0.36
C GLY A 310 27.97 -18.25 -1.11
N ILE A 311 26.72 -18.63 -1.32
CA ILE A 311 26.15 -18.71 -2.67
C ILE A 311 25.08 -17.62 -2.79
N THR A 312 25.16 -16.84 -3.87
CA THR A 312 24.19 -15.76 -4.12
C THR A 312 23.70 -15.75 -5.55
N ILE A 313 22.58 -15.06 -5.75
CA ILE A 313 22.06 -14.86 -7.09
C ILE A 313 21.88 -13.36 -7.39
N LYS A 314 21.88 -13.05 -8.68
CA LYS A 314 21.56 -11.71 -9.13
C LYS A 314 21.01 -11.79 -10.53
N LEU A 315 20.22 -10.77 -10.86
CA LEU A 315 19.65 -10.61 -12.16
C LEU A 315 20.77 -10.51 -13.18
N GLN A 316 20.66 -11.24 -14.28
CA GLN A 316 21.59 -11.03 -15.40
C GLN A 316 21.25 -9.69 -16.03
N SER A 317 22.27 -8.87 -16.27
CA SER A 317 22.07 -7.61 -16.97
C SER A 317 23.31 -7.27 -17.77
N PRO A 318 23.49 -7.90 -18.94
CA PRO A 318 24.65 -7.59 -19.80
C PRO A 318 24.66 -6.12 -20.24
N GLU A 319 25.83 -5.51 -20.33
CA GLU A 319 25.94 -4.14 -20.83
C GLU A 319 25.40 -4.05 -22.26
N VAL A 320 24.80 -2.91 -22.58
CA VAL A 320 24.37 -2.61 -23.93
C VAL A 320 25.37 -1.64 -24.59
N ARG A 321 26.24 -2.18 -25.44
CA ARG A 321 27.29 -1.37 -26.08
C ARG A 321 26.71 -0.19 -26.85
N SER A 322 25.62 -0.42 -27.58
CA SER A 322 25.02 0.62 -28.41
C SER A 322 24.53 1.82 -27.59
N PHE A 323 24.17 1.60 -26.32
CA PHE A 323 23.88 2.72 -25.45
C PHE A 323 25.10 3.55 -25.17
N ASP A 324 26.22 2.89 -24.85
CA ASP A 324 27.47 3.63 -24.59
C ASP A 324 27.92 4.45 -25.80
N ASP A 325 27.88 3.84 -26.99
CA ASP A 325 28.22 4.51 -28.25
C ASP A 325 27.47 5.84 -28.43
N TYR A 326 26.19 5.86 -28.06
CA TYR A 326 25.38 7.07 -28.11
C TYR A 326 25.61 8.00 -26.92
N PHE A 327 25.52 7.48 -25.71
CA PHE A 327 25.54 8.31 -24.52
C PHE A 327 26.86 9.05 -24.35
N LEU A 328 27.97 8.34 -24.51
CA LEU A 328 29.29 8.90 -24.28
C LEU A 328 29.63 10.04 -25.25
N LYS A 329 28.87 10.19 -26.33
CA LYS A 329 29.13 11.22 -27.34
C LYS A 329 28.28 12.48 -27.17
N LEU A 330 27.38 12.47 -26.19
CA LEU A 330 26.51 13.62 -25.95
C LEU A 330 27.27 14.87 -25.51
N ARG A 331 26.78 16.02 -25.93
CA ARG A 331 27.42 17.30 -25.65
C ARG A 331 26.43 18.25 -25.05
N LEU A 332 26.89 19.02 -24.07
CA LEU A 332 26.05 20.01 -23.41
C LEU A 332 25.42 20.98 -24.40
N ASP A 333 26.22 21.45 -25.36
CA ASP A 333 25.73 22.49 -26.28
C ASP A 333 24.70 22.02 -27.30
N THR A 334 24.77 20.76 -27.71
CA THR A 334 23.85 20.26 -28.74
C THR A 334 22.69 19.41 -28.18
N ASN A 335 22.76 19.00 -26.92
CA ASN A 335 21.67 18.23 -26.36
C ASN A 335 20.51 19.10 -25.86
N THR A 336 19.67 19.52 -26.79
CA THR A 336 18.59 20.44 -26.45
C THR A 336 17.29 19.75 -25.99
N ARG A 337 17.07 18.50 -26.42
CA ARG A 337 15.81 17.80 -26.10
C ARG A 337 15.68 17.27 -24.66
N ASN A 338 16.81 17.12 -23.98
CA ASN A 338 16.79 16.71 -22.58
C ASN A 338 16.86 17.96 -21.72
N PRO A 339 15.74 18.36 -21.09
CA PRO A 339 15.72 19.64 -20.38
C PRO A 339 16.54 19.61 -19.08
N TRP A 340 16.89 18.41 -18.61
CA TRP A 340 17.65 18.27 -17.39
C TRP A 340 19.17 18.18 -17.63
N PHE A 341 19.57 18.20 -18.89
CA PHE A 341 20.98 17.96 -19.24
C PHE A 341 21.96 19.01 -18.66
N PRO A 342 21.60 20.31 -18.64
CA PRO A 342 22.42 21.33 -17.96
C PRO A 342 22.62 21.11 -16.46
N GLU A 343 21.53 20.84 -15.73
CA GLU A 343 21.62 20.49 -14.31
C GLU A 343 22.53 19.28 -14.11
N PHE A 344 22.40 18.29 -15.00
CA PHE A 344 23.22 17.09 -14.95
C PHE A 344 24.71 17.38 -15.18
N TRP A 345 25.02 18.12 -16.25
CA TRP A 345 26.40 18.40 -16.66
C TRP A 345 27.21 19.08 -15.54
N GLN A 346 26.61 20.06 -14.89
CA GLN A 346 27.19 20.76 -13.73
C GLN A 346 27.45 19.83 -12.54
N HIS A 347 26.49 18.95 -12.24
CA HIS A 347 26.67 17.98 -11.17
C HIS A 347 27.73 16.94 -11.54
N ARG A 348 27.68 16.47 -12.78
CA ARG A 348 28.57 15.41 -13.26
C ARG A 348 30.03 15.85 -13.26
N PHE A 349 30.26 17.09 -13.67
CA PHE A 349 31.63 17.59 -13.80
C PHE A 349 31.95 18.64 -12.76
N GLN A 350 31.16 18.64 -11.68
CA GLN A 350 31.33 19.57 -10.56
C GLN A 350 31.82 20.94 -11.06
N CYS A 351 30.95 21.61 -11.82
CA CYS A 351 31.25 22.90 -12.42
C CYS A 351 29.99 23.75 -12.50
N ARG A 352 30.12 24.98 -12.97
CA ARG A 352 28.96 25.85 -13.09
C ARG A 352 28.83 26.46 -14.48
N LEU A 353 27.59 26.75 -14.84
CA LEU A 353 27.25 27.47 -16.06
C LEU A 353 26.89 28.91 -15.71
N PRO A 354 27.81 29.86 -15.96
CA PRO A 354 27.59 31.27 -15.59
C PRO A 354 26.45 31.93 -16.37
N GLY A 355 25.43 32.38 -15.64
CA GLY A 355 24.28 33.07 -16.25
C GLY A 355 22.95 32.38 -15.97
N PRO A 361 25.81 26.28 -9.43
CA PRO A 361 25.59 27.24 -8.36
C PRO A 361 26.40 26.95 -7.08
N ASN A 362 27.00 25.76 -6.98
CA ASN A 362 27.74 25.33 -5.77
C ASN A 362 29.23 25.15 -6.04
N PHE A 363 29.61 25.10 -7.31
CA PHE A 363 30.96 24.71 -7.71
C PHE A 363 31.78 25.89 -8.22
N LYS A 364 33.09 25.78 -8.06
CA LYS A 364 34.02 26.85 -8.45
C LYS A 364 34.39 26.82 -9.93
N ARG A 365 34.71 25.65 -10.46
CA ARG A 365 35.08 25.52 -11.88
C ARG A 365 33.95 25.96 -12.82
N ILE A 366 34.32 26.60 -13.92
CA ILE A 366 33.38 26.95 -14.97
C ILE A 366 33.44 25.85 -16.02
N CYS A 367 32.29 25.28 -16.36
CA CYS A 367 32.24 24.19 -17.35
C CYS A 367 32.74 24.67 -18.71
N THR A 368 33.46 23.79 -19.40
CA THR A 368 33.93 24.08 -20.76
C THR A 368 32.93 23.56 -21.78
N GLY A 369 32.22 22.49 -21.43
CA GLY A 369 31.38 21.77 -22.38
C GLY A 369 32.20 20.74 -23.15
N ASN A 370 33.49 20.67 -22.86
CA ASN A 370 34.39 19.73 -23.50
C ASN A 370 34.82 18.58 -22.61
N GLU A 371 34.21 18.49 -21.42
CA GLU A 371 34.45 17.40 -20.49
C GLU A 371 34.05 16.04 -21.08
N SER A 372 34.57 14.96 -20.52
CA SER A 372 34.33 13.62 -21.06
C SER A 372 33.43 12.78 -20.17
N LEU A 373 32.32 12.32 -20.75
CA LEU A 373 31.39 11.45 -20.03
C LEU A 373 31.98 10.08 -19.74
N GLU A 374 33.07 9.74 -20.42
CA GLU A 374 33.82 8.51 -20.15
C GLU A 374 34.45 8.48 -18.75
N GLU A 375 34.67 9.66 -18.18
CA GLU A 375 35.28 9.82 -16.87
C GLU A 375 34.45 9.13 -15.76
N ASN A 376 35.03 8.06 -15.20
CA ASN A 376 34.41 7.27 -14.13
C ASN A 376 33.09 6.61 -14.54
N TYR A 377 32.91 6.44 -15.85
CA TYR A 377 31.64 6.03 -16.43
C TYR A 377 31.20 4.62 -16.04
N VAL A 378 29.93 4.51 -15.64
CA VAL A 378 29.30 3.21 -15.37
C VAL A 378 27.90 3.24 -15.99
N GLN A 379 27.57 2.23 -16.78
CA GLN A 379 26.26 2.09 -17.37
C GLN A 379 25.25 1.58 -16.32
N ASP A 380 24.07 2.21 -16.28
CA ASP A 380 22.91 1.71 -15.52
C ASP A 380 22.81 0.18 -15.68
N SER A 381 22.82 -0.53 -14.56
CA SER A 381 22.77 -1.99 -14.59
C SER A 381 21.45 -2.51 -15.17
N LYS A 382 20.43 -1.66 -15.24
CA LYS A 382 19.11 -2.09 -15.69
C LYS A 382 18.85 -1.65 -17.13
N MET A 383 19.87 -1.13 -17.80
CA MET A 383 19.72 -0.51 -19.12
C MET A 383 18.99 -1.41 -20.10
N GLY A 384 19.41 -2.68 -20.14
CA GLY A 384 18.85 -3.65 -21.05
C GLY A 384 17.35 -3.82 -20.82
N PHE A 385 16.92 -3.81 -19.57
CA PHE A 385 15.47 -3.93 -19.25
C PHE A 385 14.68 -2.67 -19.66
N VAL A 386 15.29 -1.50 -19.49
CA VAL A 386 14.66 -0.22 -19.88
C VAL A 386 14.34 -0.26 -21.39
N ILE A 387 15.35 -0.61 -22.16
CA ILE A 387 15.22 -0.69 -23.60
C ILE A 387 14.22 -1.74 -24.05
N ASN A 388 14.26 -2.91 -23.43
CA ASN A 388 13.30 -3.95 -23.80
C ASN A 388 11.86 -3.58 -23.50
N ALA A 389 11.65 -2.83 -22.43
CA ALA A 389 10.30 -2.38 -22.07
C ALA A 389 9.77 -1.45 -23.17
N ILE A 390 10.66 -0.65 -23.77
CA ILE A 390 10.24 0.27 -24.81
C ILE A 390 9.91 -0.50 -26.09
N TYR A 391 10.83 -1.40 -26.49
CA TYR A 391 10.56 -2.31 -27.61
C TYR A 391 9.24 -3.07 -27.42
N ALA A 392 9.00 -3.52 -26.20
CA ALA A 392 7.74 -4.18 -25.91
C ALA A 392 6.54 -3.31 -26.27
N MET A 393 6.57 -2.04 -25.88
CA MET A 393 5.47 -1.11 -26.21
C MET A 393 5.30 -1.01 -27.73
N ALA A 394 6.41 -0.86 -28.45
CA ALA A 394 6.39 -0.79 -29.91
C ALA A 394 5.83 -2.05 -30.57
N HIS A 395 6.15 -3.23 -30.02
CA HIS A 395 5.68 -4.50 -30.60
C HIS A 395 4.19 -4.65 -30.35
N GLY A 396 3.72 -4.22 -29.18
CA GLY A 396 2.25 -4.23 -28.87
C GLY A 396 1.42 -3.36 -29.83
N LEU A 397 1.95 -2.18 -30.11
CA LEU A 397 1.33 -1.24 -31.03
C LEU A 397 1.32 -1.78 -32.47
N GLN A 398 2.44 -2.36 -32.91
CA GLN A 398 2.49 -2.99 -34.23
C GLN A 398 1.47 -4.11 -34.37
N ASN A 399 1.42 -4.97 -33.36
CA ASN A 399 0.45 -6.06 -33.37
C ASN A 399 -0.97 -5.54 -33.41
N MET A 400 -1.23 -4.48 -32.65
CA MET A 400 -2.55 -3.83 -32.67
C MET A 400 -2.92 -3.37 -34.07
N HIS A 401 -1.98 -2.71 -34.73
CA HIS A 401 -2.17 -2.19 -36.07
C HIS A 401 -2.47 -3.28 -37.10
N HIS A 402 -1.71 -4.38 -37.03
CA HIS A 402 -1.94 -5.54 -37.91
C HIS A 402 -3.36 -6.06 -37.76
N ALA A 403 -3.86 -6.07 -36.53
CA ALA A 403 -5.17 -6.66 -36.24
C ALA A 403 -6.34 -5.71 -36.52
N LEU A 404 -6.16 -4.44 -36.18
CA LEU A 404 -7.25 -3.48 -36.22
C LEU A 404 -7.24 -2.65 -37.50
N CYS A 405 -6.07 -2.50 -38.11
CA CYS A 405 -5.91 -1.68 -39.31
C CYS A 405 -5.27 -2.45 -40.48
N PRO A 406 -5.76 -3.67 -40.77
CA PRO A 406 -5.12 -4.46 -41.82
C PRO A 406 -5.21 -3.76 -43.18
N GLY A 407 -4.10 -3.71 -43.91
CA GLY A 407 -4.07 -3.06 -45.22
C GLY A 407 -4.07 -1.54 -45.26
N HIS A 408 -3.99 -0.90 -44.09
N HIS A 408 -4.04 -0.92 -44.08
CA HIS A 408 -3.99 0.57 -44.01
CA HIS A 408 -3.94 0.54 -43.97
C HIS A 408 -2.61 1.09 -43.60
C HIS A 408 -2.48 0.91 -43.83
N VAL A 409 -2.11 2.08 -44.34
CA VAL A 409 -0.77 2.61 -44.09
C VAL A 409 -0.89 3.58 -42.93
N GLY A 410 -0.21 3.26 -41.83
CA GLY A 410 -0.32 4.07 -40.63
C GLY A 410 -1.62 3.83 -39.90
N LEU A 411 -1.93 4.75 -38.98
CA LEU A 411 -3.08 4.63 -38.11
C LEU A 411 -4.36 4.76 -38.91
N CYS A 412 -5.34 3.92 -38.57
CA CYS A 412 -6.67 4.02 -39.13
C CYS A 412 -7.60 4.44 -38.00
N ASP A 413 -8.86 4.69 -38.34
CA ASP A 413 -9.86 5.17 -37.36
C ASP A 413 -9.94 4.31 -36.11
N ALA A 414 -9.79 3.00 -36.27
CA ALA A 414 -9.83 2.06 -35.16
C ALA A 414 -8.71 2.32 -34.13
N MET A 415 -7.65 3.01 -34.53
CA MET A 415 -6.56 3.41 -33.63
C MET A 415 -6.53 4.93 -33.37
N LYS A 416 -7.66 5.61 -33.62
CA LYS A 416 -7.80 7.05 -33.38
C LYS A 416 -9.02 7.33 -32.52
N PRO A 417 -8.85 7.39 -31.18
CA PRO A 417 -7.62 7.17 -30.47
C PRO A 417 -7.35 5.69 -30.21
N ILE A 418 -6.15 5.41 -29.72
CA ILE A 418 -5.78 4.05 -29.33
C ILE A 418 -6.60 3.60 -28.14
N ASP A 419 -7.20 2.42 -28.29
CA ASP A 419 -7.99 1.83 -27.24
C ASP A 419 -7.06 1.06 -26.28
N GLY A 420 -6.85 1.63 -25.10
CA GLY A 420 -5.94 1.08 -24.10
C GLY A 420 -6.28 -0.32 -23.63
N SER A 421 -7.56 -0.63 -23.52
CA SER A 421 -7.94 -1.96 -23.10
C SER A 421 -7.52 -2.99 -24.15
N LYS A 422 -7.64 -2.63 -25.43
CA LYS A 422 -7.25 -3.53 -26.51
C LYS A 422 -5.74 -3.60 -26.60
N LEU A 423 -5.07 -2.46 -26.44
CA LEU A 423 -3.61 -2.46 -26.48
C LEU A 423 -2.99 -3.40 -25.40
N LEU A 424 -3.62 -3.44 -24.23
CA LEU A 424 -3.20 -4.34 -23.14
C LEU A 424 -3.17 -5.81 -23.61
N ASP A 425 -4.30 -6.30 -24.15
CA ASP A 425 -4.38 -7.61 -24.81
C ASP A 425 -3.25 -7.86 -25.81
N PHE A 426 -3.00 -6.90 -26.69
CA PHE A 426 -1.96 -7.06 -27.70
C PHE A 426 -0.54 -7.15 -27.09
N LEU A 427 -0.29 -6.33 -26.07
CA LEU A 427 0.99 -6.34 -25.36
C LEU A 427 1.27 -7.67 -24.72
N ILE A 428 0.27 -8.21 -24.03
CA ILE A 428 0.43 -9.45 -23.32
C ILE A 428 0.85 -10.61 -24.26
N LYS A 429 0.36 -10.59 -25.50
CA LYS A 429 0.60 -11.66 -26.46
C LYS A 429 1.81 -11.34 -27.31
N SER A 430 2.45 -10.20 -27.07
CA SER A 430 3.61 -9.84 -27.90
C SER A 430 4.88 -10.56 -27.46
N SER A 431 5.79 -10.81 -28.42
CA SER A 431 7.07 -11.42 -28.13
C SER A 431 8.10 -10.94 -29.12
N PHE A 432 9.36 -11.04 -28.78
CA PHE A 432 10.40 -10.55 -29.67
C PHE A 432 11.75 -10.87 -29.08
N ILE A 433 12.80 -10.68 -29.86
CA ILE A 433 14.15 -10.86 -29.35
C ILE A 433 14.66 -9.53 -28.84
N GLY A 434 14.98 -9.51 -27.54
CA GLY A 434 15.33 -8.27 -26.85
C GLY A 434 16.75 -7.87 -27.15
N VAL A 435 17.19 -6.79 -26.52
CA VAL A 435 18.43 -6.10 -26.88
C VAL A 435 19.71 -6.93 -26.65
N SER A 436 19.65 -7.94 -25.79
CA SER A 436 20.80 -8.79 -25.56
C SER A 436 20.65 -10.21 -26.09
N GLY A 437 19.70 -10.44 -27.00
CA GLY A 437 19.50 -11.74 -27.60
C GLY A 437 18.52 -12.63 -26.86
N GLU A 438 18.01 -12.18 -25.73
CA GLU A 438 17.09 -12.99 -24.93
C GLU A 438 15.68 -12.88 -25.52
N GLU A 439 14.83 -13.88 -25.31
N GLU A 439 14.86 -13.92 -25.34
CA GLU A 439 13.49 -13.82 -25.83
CA GLU A 439 13.46 -13.89 -25.73
C GLU A 439 12.51 -13.20 -24.81
C GLU A 439 12.69 -13.05 -24.71
N VAL A 440 11.95 -12.05 -25.19
CA VAL A 440 11.03 -11.30 -24.32
C VAL A 440 9.58 -11.70 -24.66
N TRP A 441 8.82 -12.06 -23.64
N TRP A 441 8.83 -12.12 -23.64
CA TRP A 441 7.41 -12.37 -23.78
CA TRP A 441 7.40 -12.40 -23.77
C TRP A 441 6.75 -12.31 -22.41
C TRP A 441 6.74 -12.23 -22.41
N PHE A 442 5.41 -12.34 -22.36
CA PHE A 442 4.67 -12.16 -21.13
C PHE A 442 3.72 -13.30 -20.90
N ASP A 443 3.56 -13.74 -19.66
CA ASP A 443 2.51 -14.70 -19.37
C ASP A 443 1.20 -13.98 -19.20
N GLU A 444 0.17 -14.71 -18.83
CA GLU A 444 -1.15 -14.13 -18.77
C GLU A 444 -1.23 -13.04 -17.70
N LYS A 445 -0.32 -13.08 -16.73
CA LYS A 445 -0.32 -12.11 -15.64
C LYS A 445 0.56 -10.90 -15.95
N GLY A 446 1.08 -10.83 -17.16
CA GLY A 446 2.04 -9.79 -17.53
C GLY A 446 3.46 -9.99 -17.01
N ASP A 447 3.76 -11.18 -16.49
CA ASP A 447 5.09 -11.43 -15.90
C ASP A 447 6.16 -11.91 -16.89
N ALA A 448 7.42 -11.58 -16.62
CA ALA A 448 8.52 -11.90 -17.52
C ALA A 448 9.24 -13.22 -17.17
N PRO A 449 9.94 -13.82 -18.14
CA PRO A 449 10.85 -14.89 -17.73
C PRO A 449 12.01 -14.40 -16.85
N GLY A 450 12.62 -15.31 -16.11
CA GLY A 450 13.73 -14.97 -15.21
C GLY A 450 15.06 -15.54 -15.64
N ARG A 451 16.09 -14.70 -15.62
CA ARG A 451 17.44 -15.11 -15.91
C ARG A 451 18.36 -14.52 -14.84
N TYR A 452 18.95 -15.41 -14.04
CA TYR A 452 19.84 -15.01 -12.95
C TYR A 452 21.22 -15.64 -13.08
N ASP A 453 22.25 -14.92 -12.64
CA ASP A 453 23.58 -15.49 -12.42
C ASP A 453 23.66 -16.10 -11.02
N ILE A 454 24.34 -17.23 -10.90
CA ILE A 454 24.65 -17.85 -9.60
C ILE A 454 26.11 -17.61 -9.31
N MET A 455 26.40 -17.08 -8.11
CA MET A 455 27.78 -16.79 -7.73
C MET A 455 28.12 -17.48 -6.41
N ASN A 456 29.42 -17.68 -6.19
CA ASN A 456 29.94 -18.36 -5.02
C ASN A 456 31.13 -17.51 -4.58
N LEU A 457 31.08 -16.99 -3.36
CA LEU A 457 32.22 -16.23 -2.85
C LEU A 457 33.39 -17.19 -2.58
N GLN A 458 34.56 -16.83 -3.09
CA GLN A 458 35.73 -17.71 -2.99
C GLN A 458 36.98 -16.88 -2.77
N TYR A 459 37.90 -17.42 -2.00
CA TYR A 459 39.25 -16.84 -1.86
C TYR A 459 40.04 -17.14 -3.12
N THR A 460 40.71 -16.13 -3.67
CA THR A 460 41.28 -16.23 -5.01
C THR A 460 42.81 -16.36 -5.09
N GLU A 461 43.53 -15.45 -4.42
CA GLU A 461 45.00 -15.22 -4.57
C GLU A 461 45.27 -13.80 -5.05
N ARG A 464 42.80 -12.22 -2.93
CA ARG A 464 41.57 -11.48 -2.74
C ARG A 464 40.35 -12.43 -2.71
N TYR A 465 39.19 -11.89 -2.33
CA TYR A 465 37.95 -12.64 -2.34
C TYR A 465 37.09 -12.12 -3.49
N ASP A 466 36.56 -13.04 -4.30
CA ASP A 466 35.71 -12.68 -5.45
C ASP A 466 34.43 -13.49 -5.46
N TYR A 467 33.38 -12.84 -5.94
CA TYR A 467 32.13 -13.47 -6.25
C TYR A 467 32.29 -14.18 -7.58
N VAL A 468 32.52 -15.48 -7.52
CA VAL A 468 32.85 -16.26 -8.70
C VAL A 468 31.59 -16.75 -9.34
N HIS A 469 31.47 -16.50 -10.65
CA HIS A 469 30.35 -17.00 -11.43
C HIS A 469 30.38 -18.52 -11.53
N VAL A 470 29.34 -19.19 -11.03
CA VAL A 470 29.35 -20.65 -11.08
C VAL A 470 28.21 -21.27 -11.89
N GLY A 471 27.34 -20.44 -12.45
CA GLY A 471 26.26 -20.95 -13.30
C GLY A 471 25.12 -19.94 -13.42
N THR A 472 23.97 -20.43 -13.87
CA THR A 472 22.85 -19.54 -14.17
C THR A 472 21.58 -20.30 -13.83
N TRP A 473 20.49 -19.57 -13.64
CA TRP A 473 19.14 -20.12 -13.64
C TRP A 473 18.50 -19.39 -14.80
N HIS A 474 18.09 -20.15 -15.82
CA HIS A 474 17.65 -19.58 -17.10
C HIS A 474 16.26 -20.13 -17.39
N GLU A 475 15.25 -19.33 -17.07
CA GLU A 475 13.85 -19.63 -17.42
C GLU A 475 13.38 -20.99 -16.94
N GLY A 476 13.64 -21.31 -15.68
CA GLY A 476 13.23 -22.61 -15.15
C GLY A 476 14.35 -23.63 -15.02
N VAL A 477 15.50 -23.37 -15.67
CA VAL A 477 16.58 -24.36 -15.73
C VAL A 477 17.83 -23.91 -15.00
N LEU A 478 18.19 -24.67 -13.98
CA LEU A 478 19.39 -24.40 -13.21
C LEU A 478 20.58 -25.07 -13.86
N ASN A 479 21.66 -24.34 -14.02
CA ASN A 479 22.85 -24.98 -14.53
C ASN A 479 24.04 -24.48 -13.72
N ILE A 480 24.70 -25.38 -12.98
CA ILE A 480 25.81 -25.02 -12.10
C ILE A 480 27.02 -25.95 -12.31
N ASP A 481 28.22 -25.37 -12.25
CA ASP A 481 29.48 -26.11 -12.23
C ASP A 481 29.72 -26.65 -10.81
N ASP A 482 29.22 -27.86 -10.54
CA ASP A 482 29.39 -28.49 -9.22
C ASP A 482 30.84 -28.56 -8.76
N TYR A 483 31.77 -28.80 -9.68
CA TYR A 483 33.20 -28.86 -9.36
C TYR A 483 33.72 -27.53 -8.83
N LYS A 484 33.33 -26.44 -9.47
CA LYS A 484 33.80 -25.11 -9.09
C LYS A 484 33.17 -24.63 -7.78
N ILE A 485 31.92 -25.04 -7.54
CA ILE A 485 31.22 -24.71 -6.31
C ILE A 485 31.64 -25.66 -5.20
N GLN B 8 -22.42 7.35 -16.18
CA GLN B 8 -21.72 8.03 -15.04
C GLN B 8 -22.34 7.67 -13.71
N ARG B 9 -21.49 7.47 -12.70
CA ARG B 9 -21.95 7.13 -11.34
C ARG B 9 -22.74 8.30 -10.73
N SER B 10 -23.84 7.99 -10.04
CA SER B 10 -24.67 9.00 -9.38
C SER B 10 -23.90 9.81 -8.31
N VAL B 11 -24.38 11.02 -8.04
CA VAL B 11 -23.81 11.90 -7.03
C VAL B 11 -24.98 12.56 -6.29
N ALA B 12 -24.97 12.52 -4.96
CA ALA B 12 -25.93 13.30 -4.18
C ALA B 12 -25.39 14.70 -3.92
N ARG B 13 -26.12 15.71 -4.39
CA ARG B 13 -25.66 17.10 -4.32
C ARG B 13 -26.58 18.03 -3.55
N MET B 14 -25.96 19.10 -3.07
CA MET B 14 -26.64 20.21 -2.43
C MET B 14 -25.79 21.43 -2.70
N ASP B 15 -26.40 22.48 -3.23
CA ASP B 15 -25.68 23.72 -3.48
C ASP B 15 -25.37 24.48 -2.18
N GLY B 16 -24.31 25.30 -2.23
CA GLY B 16 -23.95 26.13 -1.07
C GLY B 16 -22.81 27.05 -1.44
N ASP B 17 -22.40 27.89 -0.49
CA ASP B 17 -21.25 28.78 -0.70
C ASP B 17 -19.95 27.98 -0.68
N VAL B 18 -19.89 26.99 0.20
CA VAL B 18 -18.74 26.09 0.36
C VAL B 18 -19.22 24.65 0.23
N ILE B 19 -18.56 23.88 -0.63
CA ILE B 19 -18.98 22.50 -0.91
C ILE B 19 -18.11 21.47 -0.17
N ILE B 20 -18.76 20.63 0.63
CA ILE B 20 -18.13 19.54 1.36
C ILE B 20 -18.30 18.22 0.59
N GLY B 21 -17.19 17.56 0.26
CA GLY B 21 -17.24 16.24 -0.37
C GLY B 21 -17.44 15.13 0.65
N ALA B 22 -17.93 13.99 0.20
CA ALA B 22 -18.01 12.81 1.05
C ALA B 22 -17.98 11.54 0.20
N LEU B 23 -17.43 10.50 0.79
CA LEU B 23 -17.38 9.17 0.21
C LEU B 23 -17.98 8.22 1.23
N PHE B 24 -19.08 7.59 0.85
CA PHE B 24 -19.69 6.58 1.69
C PHE B 24 -19.85 5.31 0.85
N SER B 25 -19.91 4.18 1.53
CA SER B 25 -20.12 2.88 0.90
C SER B 25 -21.62 2.71 0.59
N VAL B 26 -22.10 3.45 -0.41
CA VAL B 26 -23.53 3.37 -0.79
C VAL B 26 -23.86 1.95 -1.32
N HIS B 27 -22.89 1.34 -2.00
CA HIS B 27 -22.98 -0.05 -2.44
C HIS B 27 -21.83 -0.87 -1.86
N HIS B 28 -22.04 -2.19 -1.78
CA HIS B 28 -20.98 -3.15 -1.48
C HIS B 28 -19.97 -3.15 -2.61
N GLN B 29 -18.81 -3.77 -2.36
CA GLN B 29 -17.78 -3.78 -3.38
C GLN B 29 -18.19 -4.64 -4.58
N PRO B 30 -17.57 -4.41 -5.75
CA PRO B 30 -17.84 -5.26 -6.90
C PRO B 30 -17.60 -6.74 -6.57
N PRO B 31 -18.58 -7.61 -6.91
CA PRO B 31 -18.30 -9.04 -6.91
C PRO B 31 -17.06 -9.32 -7.76
N ALA B 32 -16.39 -10.45 -7.51
CA ALA B 32 -15.08 -10.76 -8.16
C ALA B 32 -15.03 -10.52 -9.69
N GLU B 33 -16.09 -10.91 -10.39
CA GLU B 33 -16.16 -10.80 -11.85
C GLU B 33 -16.50 -9.38 -12.34
N LYS B 34 -16.98 -8.54 -11.40
CA LYS B 34 -17.33 -7.14 -11.70
C LYS B 34 -16.18 -6.13 -11.46
N VAL B 35 -15.14 -6.58 -10.77
CA VAL B 35 -13.99 -5.72 -10.37
C VAL B 35 -13.39 -4.86 -11.51
N PRO B 36 -13.12 -5.45 -12.70
CA PRO B 36 -12.48 -4.63 -13.75
C PRO B 36 -13.35 -3.50 -14.33
N GLU B 37 -14.67 -3.71 -14.41
CA GLU B 37 -15.59 -2.68 -14.90
C GLU B 37 -16.03 -1.71 -13.79
N ARG B 38 -15.61 -1.99 -12.55
CA ARG B 38 -16.00 -1.20 -11.37
C ARG B 38 -17.52 -1.07 -11.20
N LYS B 39 -18.23 -2.16 -11.53
CA LYS B 39 -19.68 -2.23 -11.26
C LYS B 39 -19.85 -2.76 -9.84
N CYS B 40 -20.61 -2.06 -9.03
CA CYS B 40 -20.63 -2.35 -7.60
C CYS B 40 -21.66 -3.41 -7.21
N GLY B 41 -21.60 -3.86 -5.97
CA GLY B 41 -22.52 -4.87 -5.43
C GLY B 41 -23.85 -4.26 -5.03
N GLU B 42 -24.52 -4.89 -4.07
CA GLU B 42 -25.82 -4.40 -3.67
C GLU B 42 -25.76 -3.18 -2.75
N ILE B 43 -26.86 -2.42 -2.76
CA ILE B 43 -27.04 -1.24 -1.92
C ILE B 43 -26.85 -1.58 -0.42
N ARG B 44 -26.38 -0.60 0.34
CA ARG B 44 -26.11 -0.76 1.77
C ARG B 44 -26.91 0.25 2.57
N GLU B 45 -27.44 -0.15 3.72
CA GLU B 45 -28.18 0.79 4.54
C GLU B 45 -27.31 1.52 5.58
N GLN B 46 -26.75 0.78 6.53
CA GLN B 46 -26.01 1.41 7.65
C GLN B 46 -24.75 2.13 7.18
N TYR B 47 -24.00 1.50 6.29
CA TYR B 47 -22.73 2.08 5.79
C TYR B 47 -22.94 3.02 4.62
N GLY B 48 -24.17 3.07 4.13
CA GLY B 48 -24.44 3.78 2.89
C GLY B 48 -25.53 4.83 2.98
N ILE B 49 -26.75 4.40 2.72
CA ILE B 49 -27.92 5.29 2.65
C ILE B 49 -28.13 6.13 3.91
N GLN B 50 -28.02 5.51 5.08
CA GLN B 50 -28.12 6.25 6.35
C GLN B 50 -27.10 7.38 6.43
N ARG B 51 -25.87 7.10 5.99
CA ARG B 51 -24.81 8.10 6.06
C ARG B 51 -25.05 9.23 5.09
N VAL B 52 -25.53 8.91 3.89
CA VAL B 52 -25.88 9.94 2.93
C VAL B 52 -26.93 10.87 3.57
N GLU B 53 -27.96 10.26 4.17
CA GLU B 53 -29.06 11.02 4.73
C GLU B 53 -28.60 11.87 5.90
N ALA B 54 -27.80 11.27 6.79
CA ALA B 54 -27.30 11.98 7.96
C ALA B 54 -26.51 13.20 7.50
N MET B 55 -25.72 13.04 6.43
CA MET B 55 -24.99 14.18 5.91
C MET B 55 -25.91 15.30 5.40
N PHE B 56 -26.94 14.96 4.62
CA PHE B 56 -27.91 15.98 4.19
C PHE B 56 -28.52 16.73 5.38
N HIS B 57 -29.03 15.96 6.34
CA HIS B 57 -29.75 16.52 7.46
C HIS B 57 -28.81 17.34 8.38
N THR B 58 -27.59 16.86 8.56
CA THR B 58 -26.60 17.59 9.36
C THR B 58 -26.27 18.91 8.69
N LEU B 59 -26.08 18.90 7.38
CA LEU B 59 -25.83 20.14 6.68
C LEU B 59 -27.03 21.09 6.77
N ASP B 60 -28.24 20.54 6.68
CA ASP B 60 -29.47 21.33 6.84
C ASP B 60 -29.50 22.01 8.22
N LYS B 61 -29.13 21.25 9.25
CA LYS B 61 -29.11 21.73 10.63
C LYS B 61 -28.09 22.83 10.84
N ILE B 62 -26.88 22.65 10.29
CA ILE B 62 -25.82 23.65 10.37
C ILE B 62 -26.19 24.94 9.63
N ASN B 63 -26.78 24.79 8.45
CA ASN B 63 -27.20 25.93 7.64
C ASN B 63 -28.33 26.74 8.32
N ALA B 64 -29.15 26.07 9.12
CA ALA B 64 -30.21 26.74 9.90
C ALA B 64 -29.68 27.41 11.17
N ASP B 65 -28.55 26.93 11.68
CA ASP B 65 -27.94 27.43 12.91
C ASP B 65 -27.46 28.88 12.75
N PRO B 66 -27.92 29.77 13.67
CA PRO B 66 -27.57 31.21 13.59
C PRO B 66 -26.16 31.54 14.07
N VAL B 67 -25.59 30.71 14.93
CA VAL B 67 -24.25 30.95 15.50
C VAL B 67 -23.10 30.36 14.67
N LEU B 68 -23.24 29.09 14.27
CA LEU B 68 -22.23 28.42 13.45
C LEU B 68 -22.37 28.78 11.97
N LEU B 69 -21.32 29.37 11.39
CA LEU B 69 -21.35 29.82 9.98
C LEU B 69 -22.63 30.62 9.65
N PRO B 70 -22.80 31.80 10.30
CA PRO B 70 -24.02 32.63 10.14
C PRO B 70 -24.57 32.80 8.71
N ASN B 71 -23.76 33.38 7.81
CA ASN B 71 -24.23 33.63 6.45
C ASN B 71 -23.30 32.98 5.41
N ILE B 72 -22.85 31.77 5.77
CA ILE B 72 -22.10 30.93 4.86
C ILE B 72 -22.84 29.60 4.79
N THR B 73 -23.36 29.26 3.60
CA THR B 73 -24.09 28.01 3.45
C THR B 73 -23.12 26.88 3.05
N LEU B 74 -23.33 25.72 3.63
CA LEU B 74 -22.54 24.55 3.27
C LEU B 74 -23.32 23.69 2.29
N GLY B 75 -22.67 23.37 1.17
CA GLY B 75 -23.23 22.40 0.22
C GLY B 75 -22.53 21.05 0.28
N SER B 76 -22.89 20.14 -0.62
CA SER B 76 -22.32 18.79 -0.63
C SER B 76 -22.20 18.17 -2.02
N GLU B 77 -21.24 17.26 -2.13
CA GLU B 77 -21.06 16.42 -3.31
C GLU B 77 -20.71 15.06 -2.73
N ILE B 78 -21.72 14.23 -2.53
CA ILE B 78 -21.60 12.95 -1.89
C ILE B 78 -21.47 11.87 -2.97
N ARG B 79 -20.39 11.09 -2.88
CA ARG B 79 -20.06 10.07 -3.86
C ARG B 79 -19.96 8.68 -3.22
N ASP B 80 -20.14 7.66 -4.04
CA ASP B 80 -20.14 6.25 -3.62
C ASP B 80 -18.72 5.69 -3.74
N SER B 81 -18.20 5.16 -2.64
CA SER B 81 -16.88 4.50 -2.64
C SER B 81 -16.97 3.02 -2.99
N CYS B 82 -18.18 2.44 -2.87
CA CYS B 82 -18.37 0.98 -2.95
C CYS B 82 -17.36 0.18 -2.14
N TRP B 83 -16.92 0.72 -1.00
CA TRP B 83 -15.96 0.04 -0.13
C TRP B 83 -14.80 -0.55 -0.93
N HIS B 84 -14.31 0.21 -1.92
CA HIS B 84 -13.30 -0.33 -2.82
C HIS B 84 -12.30 0.72 -3.25
N SER B 85 -11.02 0.43 -3.07
CA SER B 85 -9.97 1.40 -3.41
C SER B 85 -10.18 1.96 -4.80
N SER B 86 -10.33 1.09 -5.78
CA SER B 86 -10.50 1.51 -7.17
C SER B 86 -11.67 2.46 -7.44
N VAL B 87 -12.85 2.15 -6.93
CA VAL B 87 -14.00 3.04 -7.10
C VAL B 87 -13.81 4.37 -6.33
N ALA B 88 -13.31 4.31 -5.11
CA ALA B 88 -13.06 5.50 -4.31
C ALA B 88 -12.08 6.44 -4.99
N LEU B 89 -11.07 5.86 -5.62
CA LEU B 89 -10.10 6.65 -6.35
C LEU B 89 -10.71 7.26 -7.63
N GLU B 90 -11.50 6.49 -8.36
CA GLU B 90 -12.24 7.00 -9.52
C GLU B 90 -13.11 8.19 -9.10
N GLN B 91 -13.82 8.04 -7.98
CA GLN B 91 -14.68 9.10 -7.47
C GLN B 91 -13.91 10.30 -6.91
N SER B 92 -12.72 10.05 -6.35
CA SER B 92 -11.90 11.13 -5.79
C SER B 92 -11.34 11.99 -6.91
N ILE B 93 -11.03 11.33 -8.03
CA ILE B 93 -10.66 12.02 -9.26
C ILE B 93 -11.81 12.95 -9.71
N GLU B 94 -13.05 12.49 -9.59
CA GLU B 94 -14.19 13.32 -9.93
C GLU B 94 -14.22 14.59 -9.08
N PHE B 95 -13.91 14.49 -7.78
CA PHE B 95 -13.86 15.68 -6.89
C PHE B 95 -12.93 16.75 -7.44
N ILE B 96 -11.74 16.34 -7.90
CA ILE B 96 -10.73 17.31 -8.36
C ILE B 96 -10.78 17.66 -9.84
N ARG B 97 -11.68 17.01 -10.58
CA ARG B 97 -11.83 17.30 -12.02
C ARG B 97 -12.02 18.80 -12.23
N ASP B 98 -12.84 19.42 -11.38
CA ASP B 98 -13.01 20.87 -11.33
C ASP B 98 -11.68 21.62 -11.56
N SER B 99 -10.72 21.39 -10.66
CA SER B 99 -9.41 22.05 -10.68
C SER B 99 -8.50 21.65 -11.86
N LEU B 100 -9.00 20.79 -12.74
CA LEU B 100 -8.25 20.33 -13.91
C LEU B 100 -8.98 20.66 -15.23
N LYS B 127 -17.51 25.01 -8.70
CA LYS B 127 -17.14 25.12 -7.28
C LYS B 127 -16.25 23.98 -6.79
N PRO B 128 -14.98 24.29 -6.44
CA PRO B 128 -14.10 23.23 -5.92
C PRO B 128 -14.53 22.72 -4.55
N ILE B 129 -14.14 21.47 -4.26
CA ILE B 129 -14.39 20.82 -2.98
C ILE B 129 -13.47 21.41 -1.90
N ALA B 130 -14.00 21.78 -0.73
CA ALA B 130 -13.17 22.36 0.34
C ALA B 130 -12.47 21.28 1.19
N GLY B 131 -13.17 20.16 1.38
CA GLY B 131 -12.66 19.03 2.15
C GLY B 131 -13.55 17.82 1.93
N VAL B 132 -13.09 16.66 2.40
CA VAL B 132 -13.75 15.40 2.19
C VAL B 132 -13.95 14.66 3.49
N ILE B 133 -15.16 14.15 3.66
CA ILE B 133 -15.51 13.26 4.75
C ILE B 133 -15.47 11.78 4.26
N GLY B 134 -14.74 10.93 4.97
CA GLY B 134 -14.61 9.52 4.60
C GLY B 134 -13.33 9.27 3.80
N PRO B 135 -13.21 8.08 3.15
CA PRO B 135 -14.10 6.91 3.13
C PRO B 135 -13.99 6.10 4.42
N GLY B 136 -14.67 4.95 4.46
CA GLY B 136 -14.82 4.16 5.69
C GLY B 136 -13.63 3.34 6.17
N SER B 137 -12.88 2.74 5.24
CA SER B 137 -11.90 1.75 5.63
C SER B 137 -10.51 2.37 5.55
N SER B 138 -9.60 1.93 6.40
CA SER B 138 -8.27 2.55 6.42
C SER B 138 -7.51 2.37 5.14
N SER B 139 -7.52 1.17 4.55
CA SER B 139 -6.76 0.98 3.29
C SER B 139 -7.38 1.81 2.16
N VAL B 140 -8.70 1.90 2.13
CA VAL B 140 -9.32 2.76 1.12
C VAL B 140 -9.03 4.26 1.40
N ALA B 141 -9.07 4.64 2.68
CA ALA B 141 -8.78 6.03 3.10
C ALA B 141 -7.37 6.45 2.72
N ILE B 142 -6.41 5.54 2.88
CA ILE B 142 -5.01 5.78 2.47
C ILE B 142 -4.91 6.10 0.98
N GLN B 143 -5.62 5.31 0.16
CA GLN B 143 -5.59 5.53 -1.30
C GLN B 143 -6.17 6.91 -1.68
N VAL B 144 -7.29 7.26 -1.07
CA VAL B 144 -7.92 8.56 -1.26
C VAL B 144 -6.99 9.67 -0.77
N GLN B 145 -6.36 9.49 0.40
CA GLN B 145 -5.51 10.55 0.96
C GLN B 145 -4.30 10.81 0.06
N ASN B 146 -3.78 9.76 -0.59
CA ASN B 146 -2.61 9.93 -1.46
C ASN B 146 -2.97 10.83 -2.63
N LEU B 147 -4.23 10.80 -3.06
CA LEU B 147 -4.65 11.70 -4.13
C LEU B 147 -5.03 13.10 -3.60
N LEU B 148 -5.87 13.15 -2.56
CA LEU B 148 -6.34 14.43 -2.00
C LEU B 148 -5.22 15.39 -1.59
N GLN B 149 -4.17 14.86 -0.97
CA GLN B 149 -3.08 15.69 -0.42
C GLN B 149 -2.33 16.47 -1.51
N LEU B 150 -2.40 15.97 -2.74
CA LEU B 150 -1.78 16.63 -3.88
C LEU B 150 -2.50 17.92 -4.26
N PHE B 151 -3.79 18.00 -3.90
CA PHE B 151 -4.59 19.19 -4.13
C PHE B 151 -4.89 19.95 -2.84
N ASP B 152 -4.13 19.66 -1.79
CA ASP B 152 -4.31 20.31 -0.46
C ASP B 152 -5.77 20.28 0.00
N ILE B 153 -6.42 19.13 -0.15
CA ILE B 153 -7.80 18.96 0.33
C ILE B 153 -7.82 18.14 1.62
N PRO B 154 -8.20 18.78 2.75
CA PRO B 154 -8.26 18.08 4.03
C PRO B 154 -9.30 16.97 4.01
N GLN B 155 -9.03 15.91 4.75
CA GLN B 155 -9.85 14.71 4.74
C GLN B 155 -10.10 14.31 6.16
N ILE B 156 -11.37 14.12 6.51
CA ILE B 156 -11.70 13.76 7.86
C ILE B 156 -12.41 12.43 7.85
N ALA B 157 -11.83 11.45 8.55
CA ALA B 157 -12.38 10.08 8.64
C ALA B 157 -13.22 9.91 9.91
N TYR B 158 -14.23 9.05 9.81
CA TYR B 158 -15.14 8.76 10.93
C TYR B 158 -14.98 7.31 11.42
N SER B 159 -14.26 6.48 10.68
CA SER B 159 -14.11 5.07 11.06
C SER B 159 -12.78 4.41 10.68
N ALA B 160 -11.91 5.13 9.97
CA ALA B 160 -10.61 4.61 9.63
C ALA B 160 -9.66 4.74 10.83
N THR B 161 -9.36 3.60 11.48
CA THR B 161 -8.62 3.58 12.75
C THR B 161 -7.13 3.18 12.64
N SER B 162 -6.64 2.96 11.42
CA SER B 162 -5.27 2.48 11.24
C SER B 162 -4.24 3.40 11.90
N ILE B 163 -3.29 2.78 12.60
CA ILE B 163 -2.16 3.48 13.22
C ILE B 163 -1.29 4.18 12.18
N ASP B 164 -1.19 3.57 10.99
CA ASP B 164 -0.43 4.13 9.86
C ASP B 164 -0.83 5.57 9.50
N LEU B 165 -2.14 5.86 9.61
CA LEU B 165 -2.67 7.16 9.22
C LEU B 165 -2.21 8.36 10.10
N SER B 166 -1.61 8.07 11.25
CA SER B 166 -1.00 9.13 12.10
C SER B 166 0.34 9.63 11.56
N ASP B 167 0.87 8.99 10.54
CA ASP B 167 2.16 9.43 9.95
C ASP B 167 1.91 10.63 9.05
N LYS B 168 2.22 11.81 9.58
CA LYS B 168 1.96 13.06 8.84
C LYS B 168 2.97 13.32 7.73
N THR B 169 4.07 12.58 7.70
CA THR B 169 4.97 12.70 6.55
C THR B 169 4.33 12.07 5.31
N LEU B 170 3.48 11.08 5.51
CA LEU B 170 2.81 10.40 4.40
C LEU B 170 1.38 10.90 4.16
N TYR B 171 0.71 11.27 5.25
CA TYR B 171 -0.72 11.60 5.23
C TYR B 171 -1.00 12.96 5.89
N LYS B 172 -0.30 13.99 5.40
CA LYS B 172 -0.39 15.34 5.96
C LYS B 172 -1.84 15.85 6.10
N TYR B 173 -2.68 15.58 5.10
CA TYR B 173 -4.03 16.18 5.01
C TYR B 173 -5.12 15.29 5.61
N PHE B 174 -4.72 14.29 6.40
CA PHE B 174 -5.69 13.38 7.03
C PHE B 174 -5.88 13.66 8.50
N LEU B 175 -7.15 13.63 8.96
CA LEU B 175 -7.41 13.70 10.37
C LEU B 175 -8.70 12.89 10.58
N ARG B 176 -9.06 12.68 11.82
CA ARG B 176 -10.21 11.82 12.11
C ARG B 176 -10.78 12.11 13.47
N VAL B 177 -12.05 11.74 13.63
CA VAL B 177 -12.77 11.91 14.88
C VAL B 177 -12.94 10.58 15.59
N VAL B 178 -12.41 9.52 15.00
CA VAL B 178 -12.37 8.19 15.62
C VAL B 178 -10.94 7.91 16.14
N PRO B 179 -10.82 7.28 17.32
CA PRO B 179 -9.48 6.99 17.88
C PRO B 179 -8.64 5.99 17.05
N SER B 180 -7.33 6.26 16.97
CA SER B 180 -6.39 5.32 16.41
C SER B 180 -6.40 4.00 17.22
N ASP B 181 -6.12 2.89 16.55
CA ASP B 181 -6.12 1.61 17.25
C ASP B 181 -5.01 1.51 18.30
N THR B 182 -4.08 2.47 18.26
CA THR B 182 -3.07 2.53 19.28
C THR B 182 -3.71 2.71 20.66
N LEU B 183 -4.86 3.40 20.71
CA LEU B 183 -5.56 3.60 21.98
C LEU B 183 -6.25 2.34 22.52
N GLN B 184 -6.64 1.42 21.63
CA GLN B 184 -7.01 0.07 22.05
C GLN B 184 -5.89 -0.64 22.83
N ALA B 185 -4.67 -0.61 22.27
CA ALA B 185 -3.52 -1.20 22.96
C ALA B 185 -3.34 -0.55 24.34
N ARG B 186 -3.45 0.78 24.40
CA ARG B 186 -3.36 1.52 25.67
C ARG B 186 -4.43 1.07 26.66
N ALA B 187 -5.68 0.98 26.19
CA ALA B 187 -6.78 0.54 27.05
C ALA B 187 -6.58 -0.88 27.55
N MET B 188 -6.14 -1.77 26.67
CA MET B 188 -5.85 -3.16 27.03
C MET B 188 -4.78 -3.27 28.10
N LEU B 189 -3.71 -2.48 27.96
CA LEU B 189 -2.68 -2.44 28.99
C LEU B 189 -3.20 -1.93 30.34
N ASP B 190 -4.08 -0.92 30.32
CA ASP B 190 -4.62 -0.36 31.55
C ASP B 190 -5.49 -1.40 32.27
N ILE B 191 -6.18 -2.24 31.49
CA ILE B 191 -6.94 -3.37 32.07
C ILE B 191 -6.00 -4.39 32.73
N VAL B 192 -4.94 -4.77 32.01
CA VAL B 192 -3.95 -5.71 32.53
C VAL B 192 -3.36 -5.19 33.86
N LYS B 193 -3.03 -3.90 33.92
CA LYS B 193 -2.39 -3.31 35.10
C LYS B 193 -3.35 -3.14 36.27
N ARG B 194 -4.63 -2.91 35.97
CA ARG B 194 -5.64 -2.77 37.01
C ARG B 194 -5.72 -4.03 37.87
N TYR B 195 -5.42 -5.17 37.27
CA TYR B 195 -5.49 -6.46 37.97
C TYR B 195 -4.13 -6.98 38.40
N ASN B 196 -3.14 -6.08 38.37
CA ASN B 196 -1.81 -6.34 38.93
C ASN B 196 -1.08 -7.52 38.29
N TRP B 197 -1.53 -7.93 37.10
CA TRP B 197 -0.85 -8.98 36.35
C TRP B 197 0.54 -8.48 35.94
N THR B 198 1.54 -9.34 36.05
CA THR B 198 2.93 -8.96 35.78
C THR B 198 3.52 -9.68 34.56
N TYR B 199 2.88 -10.77 34.13
CA TYR B 199 3.26 -11.53 32.93
C TYR B 199 2.00 -11.80 32.13
N VAL B 200 2.08 -11.65 30.80
CA VAL B 200 0.98 -12.05 29.91
C VAL B 200 1.56 -12.72 28.70
N SER B 201 0.75 -13.55 28.06
CA SER B 201 1.10 -13.99 26.72
C SER B 201 0.42 -13.06 25.69
N ALA B 202 0.92 -13.06 24.46
CA ALA B 202 0.46 -12.13 23.45
C ALA B 202 0.25 -12.82 22.10
N VAL B 203 -0.97 -12.70 21.57
CA VAL B 203 -1.30 -13.27 20.26
C VAL B 203 -1.85 -12.18 19.35
N HIS B 204 -1.40 -12.14 18.09
CA HIS B 204 -2.03 -11.26 17.11
C HIS B 204 -2.21 -11.86 15.73
N THR B 205 -3.19 -11.35 15.00
CA THR B 205 -3.45 -11.75 13.62
C THR B 205 -2.43 -11.05 12.70
N GLU B 206 -1.86 -11.80 11.75
CA GLU B 206 -0.94 -11.24 10.77
C GLU B 206 -1.65 -10.18 9.96
N GLY B 207 -0.88 -9.23 9.41
CA GLY B 207 -1.48 -8.09 8.69
C GLY B 207 -1.44 -6.81 9.51
N ASN B 208 -1.91 -5.71 8.90
CA ASN B 208 -1.78 -4.39 9.51
C ASN B 208 -2.47 -4.23 10.85
N TYR B 209 -3.74 -4.62 10.93
CA TYR B 209 -4.51 -4.44 12.15
C TYR B 209 -3.84 -5.12 13.36
N GLY B 210 -3.58 -6.42 13.23
CA GLY B 210 -3.02 -7.22 14.31
C GLY B 210 -1.60 -6.84 14.64
N GLU B 211 -0.76 -6.77 13.63
CA GLU B 211 0.65 -6.46 13.86
C GLU B 211 0.85 -5.06 14.44
N SER B 212 0.17 -4.05 13.87
CA SER B 212 0.37 -2.69 14.37
C SER B 212 -0.23 -2.50 15.79
N GLY B 213 -1.36 -3.16 16.05
CA GLY B 213 -1.96 -3.12 17.39
C GLY B 213 -1.06 -3.73 18.44
N MET B 214 -0.48 -4.89 18.11
CA MET B 214 0.39 -5.58 19.03
C MET B 214 1.74 -4.90 19.18
N ASP B 215 2.28 -4.35 18.11
CA ASP B 215 3.50 -3.56 18.25
C ASP B 215 3.30 -2.43 19.25
N ALA B 216 2.15 -1.73 19.16
CA ALA B 216 1.81 -0.67 20.14
C ALA B 216 1.71 -1.18 21.58
N PHE B 217 1.01 -2.30 21.77
CA PHE B 217 0.90 -2.90 23.09
C PHE B 217 2.26 -3.28 23.66
N LYS B 218 3.07 -3.98 22.86
CA LYS B 218 4.40 -4.41 23.32
C LYS B 218 5.28 -3.20 23.65
N GLU B 219 5.18 -2.15 22.85
CA GLU B 219 6.02 -0.96 23.05
C GLU B 219 5.66 -0.31 24.38
N LEU B 220 4.37 -0.23 24.69
CA LEU B 220 3.89 0.26 25.97
C LEU B 220 4.30 -0.65 27.15
N ALA B 221 4.12 -1.96 26.98
CA ALA B 221 4.48 -2.94 28.00
C ALA B 221 5.98 -2.82 28.37
N ALA B 222 6.81 -2.59 27.37
CA ALA B 222 8.26 -2.47 27.57
C ALA B 222 8.65 -1.13 28.23
N GLN B 223 7.67 -0.25 28.43
CA GLN B 223 7.87 1.01 29.09
C GLN B 223 7.37 0.98 30.52
N GLU B 224 6.56 -0.03 30.85
CA GLU B 224 5.74 0.03 32.07
C GLU B 224 5.77 -1.24 32.92
N GLY B 225 6.86 -2.00 32.77
CA GLY B 225 7.12 -3.09 33.72
C GLY B 225 6.37 -4.39 33.49
N LEU B 226 5.63 -4.49 32.38
CA LEU B 226 4.92 -5.74 32.06
C LEU B 226 5.80 -6.66 31.21
N SER B 227 5.87 -7.93 31.60
CA SER B 227 6.63 -8.90 30.85
C SER B 227 5.71 -9.72 29.94
N ILE B 228 6.23 -10.04 28.78
CA ILE B 228 5.57 -10.89 27.78
C ILE B 228 6.14 -12.30 27.89
N ALA B 229 5.29 -13.26 28.25
CA ALA B 229 5.69 -14.67 28.29
C ALA B 229 5.83 -15.22 26.86
N HIS B 230 4.79 -15.87 26.34
CA HIS B 230 4.85 -16.36 24.95
C HIS B 230 4.21 -15.37 23.99
N SER B 231 4.89 -15.14 22.87
CA SER B 231 4.41 -14.22 21.86
C SER B 231 4.19 -14.97 20.53
N ASP B 232 3.04 -14.76 19.89
CA ASP B 232 2.76 -15.45 18.63
C ASP B 232 1.88 -14.67 17.66
N LYS B 233 2.03 -15.00 16.38
CA LYS B 233 1.18 -14.46 15.33
C LYS B 233 0.61 -15.57 14.46
N ILE B 234 -0.60 -15.37 13.96
CA ILE B 234 -1.26 -16.33 13.10
C ILE B 234 -2.19 -15.65 12.08
N TYR B 235 -2.34 -16.23 10.89
CA TYR B 235 -3.42 -15.84 9.98
C TYR B 235 -4.77 -16.41 10.42
N SER B 236 -5.86 -15.70 10.09
CA SER B 236 -7.22 -16.21 10.34
C SER B 236 -7.52 -17.50 9.57
N ASN B 237 -7.07 -17.55 8.31
CA ASN B 237 -7.32 -18.73 7.46
C ASN B 237 -6.40 -19.95 7.69
N ALA B 238 -5.39 -19.80 8.56
CA ALA B 238 -4.52 -20.91 8.94
C ALA B 238 -5.33 -22.10 9.50
N GLY B 239 -4.80 -23.31 9.28
CA GLY B 239 -5.52 -24.53 9.63
C GLY B 239 -5.52 -24.84 11.11
N GLU B 240 -6.20 -25.92 11.45
CA GLU B 240 -6.33 -26.38 12.84
C GLU B 240 -4.99 -26.81 13.43
N LYS B 241 -4.11 -27.36 12.59
CA LYS B 241 -2.75 -27.73 12.99
C LYS B 241 -1.95 -26.53 13.52
N SER B 242 -2.13 -25.36 12.90
CA SER B 242 -1.47 -24.13 13.34
C SER B 242 -2.03 -23.62 14.67
N PHE B 243 -3.35 -23.69 14.83
CA PHE B 243 -4.00 -23.35 16.10
C PHE B 243 -3.68 -24.34 17.21
N ASP B 244 -3.56 -25.63 16.86
CA ASP B 244 -3.12 -26.66 17.80
C ASP B 244 -1.77 -26.28 18.37
N ARG B 245 -0.83 -25.94 17.47
CA ARG B 245 0.53 -25.55 17.86
C ARG B 245 0.50 -24.28 18.70
N LEU B 246 -0.36 -23.33 18.33
CA LEU B 246 -0.52 -22.07 19.07
C LEU B 246 -0.90 -22.34 20.53
N LEU B 247 -2.01 -23.05 20.72
CA LEU B 247 -2.50 -23.38 22.06
C LEU B 247 -1.50 -24.22 22.85
N ARG B 248 -0.85 -25.16 22.17
CA ARG B 248 0.19 -26.00 22.79
C ARG B 248 1.28 -25.10 23.35
N LYS B 249 1.80 -24.23 22.48
CA LYS B 249 2.83 -23.26 22.87
C LYS B 249 2.36 -22.36 24.02
N LEU B 250 1.09 -21.98 24.02
CA LEU B 250 0.54 -21.14 25.09
C LEU B 250 0.50 -21.86 26.43
N ARG B 251 0.05 -23.12 26.42
CA ARG B 251 -0.08 -23.90 27.66
C ARG B 251 1.25 -24.21 28.35
N GLU B 252 2.34 -24.25 27.59
CA GLU B 252 3.67 -24.44 28.16
C GLU B 252 4.10 -23.30 29.08
N ARG B 253 3.67 -22.07 28.77
CA ARG B 253 4.03 -20.90 29.59
C ARG B 253 3.13 -20.71 30.82
N LEU B 254 2.17 -21.61 30.99
CA LEU B 254 1.46 -21.72 32.26
C LEU B 254 2.41 -22.31 33.32
N PRO B 255 2.10 -22.14 34.62
CA PRO B 255 0.91 -21.47 35.18
C PRO B 255 1.10 -19.98 35.44
N LYS B 256 2.29 -19.47 35.13
CA LYS B 256 2.65 -18.07 35.40
C LYS B 256 2.08 -17.07 34.37
N ALA B 257 1.75 -17.56 33.18
CA ALA B 257 1.19 -16.71 32.12
C ALA B 257 -0.24 -17.13 31.75
N ARG B 258 -1.17 -16.87 32.67
CA ARG B 258 -2.58 -17.19 32.53
C ARG B 258 -3.33 -16.20 31.61
N VAL B 259 -2.83 -14.97 31.52
CA VAL B 259 -3.51 -13.93 30.75
C VAL B 259 -2.97 -13.90 29.33
N VAL B 260 -3.89 -13.93 28.36
CA VAL B 260 -3.52 -13.81 26.95
C VAL B 260 -4.10 -12.53 26.35
N VAL B 261 -3.21 -11.66 25.87
CA VAL B 261 -3.63 -10.43 25.22
C VAL B 261 -3.72 -10.70 23.73
N CYS B 262 -4.90 -10.51 23.18
CA CYS B 262 -5.17 -10.86 21.80
C CYS B 262 -5.55 -9.62 21.02
N PHE B 263 -4.64 -9.15 20.18
CA PHE B 263 -4.96 -8.12 19.21
C PHE B 263 -5.27 -8.87 17.93
N CYS B 264 -6.52 -9.30 17.85
CA CYS B 264 -6.93 -10.31 16.91
C CYS B 264 -8.22 -9.99 16.18
N GLU B 265 -8.25 -10.33 14.91
CA GLU B 265 -9.52 -10.42 14.20
C GLU B 265 -10.31 -11.55 14.83
N GLY B 266 -11.63 -11.45 14.76
CA GLY B 266 -12.52 -12.45 15.35
C GLY B 266 -12.18 -13.90 15.06
N MET B 267 -11.95 -14.23 13.80
CA MET B 267 -11.71 -15.63 13.41
C MET B 267 -10.39 -16.21 13.94
N THR B 268 -9.49 -15.34 14.41
CA THR B 268 -8.30 -15.79 15.12
C THR B 268 -8.69 -16.24 16.50
N VAL B 269 -9.54 -15.46 17.17
CA VAL B 269 -10.04 -15.86 18.47
C VAL B 269 -10.81 -17.19 18.32
N ARG B 270 -11.66 -17.27 17.30
CA ARG B 270 -12.42 -18.50 17.05
C ARG B 270 -11.51 -19.71 16.87
N GLY B 271 -10.49 -19.57 16.03
CA GLY B 271 -9.45 -20.60 15.86
C GLY B 271 -8.82 -21.11 17.16
N LEU B 272 -8.70 -20.22 18.15
CA LEU B 272 -8.20 -20.61 19.48
C LEU B 272 -9.26 -21.30 20.34
N LEU B 273 -10.50 -20.83 20.24
CA LEU B 273 -11.59 -21.47 20.98
C LEU B 273 -11.82 -22.90 20.48
N SER B 274 -11.72 -23.10 19.16
CA SER B 274 -11.90 -24.41 18.55
C SER B 274 -10.71 -25.36 18.80
N ALA B 275 -9.52 -24.81 18.99
CA ALA B 275 -8.36 -25.61 19.39
C ALA B 275 -8.50 -26.06 20.85
N MET B 276 -9.22 -25.26 21.64
CA MET B 276 -9.49 -25.57 23.04
C MET B 276 -10.42 -26.77 23.20
N ARG B 277 -11.42 -26.89 22.32
CA ARG B 277 -12.36 -28.01 22.36
C ARG B 277 -11.70 -29.31 21.93
N ARG B 278 -10.93 -29.25 20.85
CA ARG B 278 -10.18 -30.40 20.32
C ARG B 278 -9.16 -30.97 21.31
N LEU B 279 -8.80 -30.20 22.34
CA LEU B 279 -7.90 -30.66 23.39
C LEU B 279 -8.65 -30.99 24.68
N GLY B 280 -9.90 -30.52 24.78
CA GLY B 280 -10.74 -30.78 25.94
C GLY B 280 -10.43 -29.93 27.16
N VAL B 281 -9.75 -28.80 26.94
CA VAL B 281 -9.42 -27.85 28.02
C VAL B 281 -10.43 -26.70 28.11
N VAL B 282 -10.61 -26.16 29.31
CA VAL B 282 -11.59 -25.09 29.57
C VAL B 282 -11.14 -24.22 30.74
N GLY B 283 -11.27 -22.89 30.58
CA GLY B 283 -11.06 -21.92 31.67
C GLY B 283 -9.65 -21.80 32.22
N GLU B 284 -8.66 -22.17 31.41
CA GLU B 284 -7.27 -22.11 31.85
C GLU B 284 -6.65 -20.71 31.66
N PHE B 285 -7.26 -19.90 30.80
CA PHE B 285 -6.74 -18.59 30.43
C PHE B 285 -7.72 -17.46 30.72
N SER B 286 -7.20 -16.25 30.90
CA SER B 286 -8.03 -15.04 30.85
C SER B 286 -7.68 -14.32 29.57
N LEU B 287 -8.64 -14.27 28.67
CA LEU B 287 -8.44 -13.69 27.35
C LEU B 287 -8.86 -12.24 27.38
N ILE B 288 -7.98 -11.37 26.87
CA ILE B 288 -8.29 -9.96 26.76
C ILE B 288 -8.19 -9.64 25.28
N GLY B 289 -9.30 -9.21 24.70
CA GLY B 289 -9.44 -9.10 23.25
C GLY B 289 -9.66 -7.68 22.77
N SER B 290 -9.07 -7.36 21.64
CA SER B 290 -9.30 -6.09 20.96
C SER B 290 -10.68 -6.10 20.27
N ASP B 291 -10.96 -5.04 19.52
CA ASP B 291 -12.29 -4.86 18.93
C ASP B 291 -12.55 -5.75 17.71
N GLY B 292 -11.53 -6.47 17.25
CA GLY B 292 -11.72 -7.54 16.28
C GLY B 292 -12.69 -8.57 16.84
N TRP B 293 -12.67 -8.72 18.16
CA TRP B 293 -13.55 -9.63 18.86
C TRP B 293 -14.77 -8.87 19.39
N ALA B 294 -14.52 -7.79 20.13
CA ALA B 294 -15.58 -6.92 20.63
C ALA B 294 -16.75 -7.71 21.24
N ASP B 295 -17.96 -7.51 20.72
CA ASP B 295 -19.15 -8.27 21.17
C ASP B 295 -19.78 -9.11 20.06
N ARG B 296 -18.94 -9.66 19.18
CA ARG B 296 -19.39 -10.46 18.04
C ARG B 296 -19.83 -11.88 18.43
N ASP B 297 -21.06 -12.22 18.10
CA ASP B 297 -21.58 -13.59 18.33
C ASP B 297 -20.89 -14.65 17.47
N GLU B 298 -20.57 -14.33 16.22
CA GLU B 298 -19.95 -15.34 15.33
C GLU B 298 -18.55 -15.80 15.77
N VAL B 299 -17.94 -15.06 16.69
CA VAL B 299 -16.63 -15.45 17.21
C VAL B 299 -16.81 -16.62 18.19
N ILE B 300 -17.81 -16.49 19.05
CA ILE B 300 -17.98 -17.39 20.19
C ILE B 300 -19.09 -18.44 20.04
N GLU B 301 -19.91 -18.33 18.99
CA GLU B 301 -21.06 -19.23 18.82
C GLU B 301 -20.58 -20.68 18.69
N GLY B 302 -21.13 -21.54 19.55
CA GLY B 302 -20.71 -22.93 19.63
C GLY B 302 -19.57 -23.19 20.61
N TYR B 303 -18.92 -22.12 21.08
CA TYR B 303 -17.80 -22.23 22.01
C TYR B 303 -17.99 -21.33 23.21
N GLU B 304 -19.25 -21.07 23.55
CA GLU B 304 -19.60 -20.18 24.66
C GLU B 304 -18.89 -20.55 25.95
N VAL B 305 -18.69 -21.84 26.19
CA VAL B 305 -18.13 -22.30 27.45
C VAL B 305 -16.60 -22.06 27.55
N GLU B 306 -15.88 -22.27 26.46
CA GLU B 306 -14.44 -21.97 26.42
C GLU B 306 -14.11 -20.48 26.27
N ALA B 307 -15.08 -19.70 25.79
CA ALA B 307 -14.91 -18.26 25.63
C ALA B 307 -15.31 -17.49 26.89
N ASN B 308 -16.07 -18.17 27.77
CA ASN B 308 -16.63 -17.54 28.97
C ASN B 308 -15.57 -16.93 29.87
N GLY B 309 -15.86 -15.71 30.35
CA GLY B 309 -14.91 -14.96 31.19
C GLY B 309 -13.99 -14.05 30.39
N GLY B 310 -14.08 -14.12 29.06
CA GLY B 310 -13.27 -13.27 28.18
C GLY B 310 -13.57 -11.78 28.35
N ILE B 311 -12.53 -10.96 28.21
CA ILE B 311 -12.67 -9.51 28.29
C ILE B 311 -12.32 -8.88 26.94
N THR B 312 -13.21 -8.02 26.45
CA THR B 312 -13.01 -7.36 25.16
C THR B 312 -13.33 -5.87 25.22
N ILE B 313 -12.86 -5.14 24.23
CA ILE B 313 -13.25 -3.76 24.10
C ILE B 313 -13.90 -3.51 22.75
N LYS B 314 -14.67 -2.42 22.67
CA LYS B 314 -15.19 -1.92 21.40
C LYS B 314 -15.39 -0.41 21.51
N LEU B 315 -15.35 0.26 20.37
CA LEU B 315 -15.68 1.67 20.34
C LEU B 315 -17.08 1.90 20.91
N GLN B 316 -17.21 2.91 21.77
CA GLN B 316 -18.52 3.37 22.18
C GLN B 316 -19.27 3.86 20.93
N SER B 317 -20.57 3.59 20.88
CA SER B 317 -21.41 4.10 19.82
C SER B 317 -22.77 4.50 20.38
N PRO B 318 -22.84 5.67 21.03
CA PRO B 318 -24.12 6.15 21.57
C PRO B 318 -25.08 6.47 20.43
N GLU B 319 -26.32 6.00 20.51
CA GLU B 319 -27.27 6.21 19.42
C GLU B 319 -27.63 7.69 19.32
N VAL B 320 -27.80 8.18 18.11
CA VAL B 320 -28.21 9.56 17.90
C VAL B 320 -29.73 9.66 17.63
N ARG B 321 -30.46 10.05 18.67
CA ARG B 321 -31.93 10.15 18.62
C ARG B 321 -32.42 11.00 17.45
N SER B 322 -31.83 12.19 17.28
CA SER B 322 -32.19 13.13 16.22
C SER B 322 -32.01 12.59 14.80
N PHE B 323 -31.13 11.60 14.63
CA PHE B 323 -31.03 10.95 13.32
C PHE B 323 -32.23 10.03 13.06
N ASP B 324 -32.61 9.26 14.07
CA ASP B 324 -33.80 8.42 13.99
C ASP B 324 -35.07 9.20 13.65
N ASP B 325 -35.28 10.31 14.36
CA ASP B 325 -36.43 11.20 14.15
C ASP B 325 -36.54 11.72 12.70
N TYR B 326 -35.39 11.94 12.06
CA TYR B 326 -35.38 12.39 10.67
C TYR B 326 -35.51 11.21 9.71
N PHE B 327 -34.65 10.20 9.90
CA PHE B 327 -34.52 9.12 8.93
C PHE B 327 -35.79 8.28 8.80
N LEU B 328 -36.38 7.94 9.95
CA LEU B 328 -37.55 7.06 10.02
C LEU B 328 -38.80 7.68 9.38
N LYS B 329 -38.73 8.96 9.06
CA LYS B 329 -39.85 9.69 8.48
C LYS B 329 -39.68 9.95 6.99
N LEU B 330 -38.61 9.43 6.40
CA LEU B 330 -38.37 9.64 4.97
C LEU B 330 -39.35 8.85 4.12
N ARG B 331 -39.77 9.46 3.02
CA ARG B 331 -40.74 8.85 2.12
C ARG B 331 -40.18 8.82 0.71
N LEU B 332 -40.46 7.72 0.01
CA LEU B 332 -40.01 7.54 -1.37
C LEU B 332 -40.36 8.74 -2.26
N ASP B 333 -41.58 9.28 -2.10
CA ASP B 333 -42.05 10.33 -2.99
C ASP B 333 -41.48 11.73 -2.71
N THR B 334 -41.07 11.96 -1.47
CA THR B 334 -40.56 13.27 -1.05
C THR B 334 -39.05 13.40 -1.27
N ASN B 335 -38.35 12.28 -1.13
CA ASN B 335 -36.89 12.30 -1.13
C ASN B 335 -36.29 12.27 -2.54
N THR B 336 -36.16 13.45 -3.15
CA THR B 336 -35.59 13.58 -4.50
C THR B 336 -34.07 13.88 -4.52
N ARG B 337 -33.54 14.38 -3.41
CA ARG B 337 -32.13 14.80 -3.37
C ARG B 337 -31.15 13.62 -3.23
N ASN B 338 -31.67 12.50 -2.71
CA ASN B 338 -30.94 11.23 -2.62
C ASN B 338 -31.19 10.33 -3.85
N PRO B 339 -30.28 10.37 -4.85
CA PRO B 339 -30.54 9.64 -6.10
C PRO B 339 -30.59 8.12 -5.92
N TRP B 340 -30.08 7.60 -4.79
CA TRP B 340 -30.05 6.16 -4.55
C TRP B 340 -31.26 5.66 -3.79
N PHE B 341 -32.12 6.57 -3.35
CA PHE B 341 -33.26 6.21 -2.50
C PHE B 341 -34.24 5.18 -3.13
N PRO B 342 -34.63 5.36 -4.41
CA PRO B 342 -35.53 4.35 -5.03
C PRO B 342 -34.91 2.95 -5.08
N GLU B 343 -33.61 2.84 -5.46
CA GLU B 343 -32.88 1.56 -5.37
C GLU B 343 -32.90 1.01 -3.95
N PHE B 344 -32.64 1.88 -2.97
CA PHE B 344 -32.69 1.45 -1.56
C PHE B 344 -34.10 1.00 -1.14
N TRP B 345 -35.12 1.76 -1.55
CA TRP B 345 -36.51 1.45 -1.14
C TRP B 345 -36.93 0.07 -1.64
N GLN B 346 -36.64 -0.20 -2.91
CA GLN B 346 -36.98 -1.47 -3.52
C GLN B 346 -36.28 -2.63 -2.82
N HIS B 347 -35.00 -2.48 -2.52
CA HIS B 347 -34.26 -3.53 -1.81
C HIS B 347 -34.74 -3.70 -0.36
N ARG B 348 -34.96 -2.57 0.31
CA ARG B 348 -35.37 -2.58 1.72
C ARG B 348 -36.73 -3.26 1.92
N PHE B 349 -37.68 -2.96 1.03
CA PHE B 349 -39.03 -3.50 1.14
C PHE B 349 -39.37 -4.51 0.03
N GLN B 350 -38.34 -4.99 -0.65
CA GLN B 350 -38.45 -6.07 -1.64
C GLN B 350 -39.62 -5.90 -2.60
N CYS B 351 -39.47 -4.94 -3.52
CA CYS B 351 -40.54 -4.53 -4.42
C CYS B 351 -39.96 -3.80 -5.60
N ARG B 352 -40.82 -3.37 -6.54
CA ARG B 352 -40.35 -2.69 -7.75
C ARG B 352 -41.16 -1.43 -8.10
N LEU B 353 -40.56 -0.57 -8.92
CA LEU B 353 -41.16 0.69 -9.33
C LEU B 353 -41.40 0.74 -10.84
N PRO B 361 -35.92 -4.79 -10.49
CA PRO B 361 -36.65 -5.67 -11.39
C PRO B 361 -36.61 -7.14 -10.95
N ASN B 362 -36.34 -7.37 -9.66
CA ASN B 362 -36.09 -8.70 -9.10
C ASN B 362 -37.31 -9.31 -8.38
N PHE B 363 -38.13 -8.45 -7.77
CA PHE B 363 -39.29 -8.86 -6.97
C PHE B 363 -40.61 -8.63 -7.72
N LYS B 364 -41.68 -9.27 -7.25
CA LYS B 364 -42.97 -9.22 -7.95
C LYS B 364 -43.87 -8.04 -7.55
N ARG B 365 -43.96 -7.76 -6.25
CA ARG B 365 -44.82 -6.69 -5.72
C ARG B 365 -44.40 -5.28 -6.19
N ILE B 366 -45.37 -4.39 -6.36
CA ILE B 366 -45.07 -2.97 -6.64
C ILE B 366 -45.05 -2.17 -5.33
N CYS B 367 -44.00 -1.37 -5.14
CA CYS B 367 -43.88 -0.52 -3.95
C CYS B 367 -45.04 0.49 -3.89
N THR B 368 -45.59 0.66 -2.70
CA THR B 368 -46.63 1.67 -2.48
C THR B 368 -46.02 3.05 -2.27
N GLY B 369 -44.87 3.08 -1.59
CA GLY B 369 -44.29 4.31 -1.07
C GLY B 369 -44.75 4.55 0.36
N ASN B 370 -45.46 3.55 0.92
CA ASN B 370 -46.07 3.64 2.24
C ASN B 370 -45.44 2.75 3.31
N GLU B 371 -44.57 1.84 2.90
CA GLU B 371 -43.89 0.92 3.82
C GLU B 371 -43.13 1.68 4.93
N SER B 372 -42.97 1.05 6.09
CA SER B 372 -42.38 1.73 7.26
C SER B 372 -40.90 1.39 7.47
N LEU B 373 -40.07 2.43 7.51
CA LEU B 373 -38.62 2.26 7.70
C LEU B 373 -38.25 1.71 9.07
N GLU B 374 -39.24 1.69 9.98
CA GLU B 374 -39.04 1.25 11.36
C GLU B 374 -38.94 -0.27 11.53
N GLU B 375 -39.35 -1.04 10.52
CA GLU B 375 -39.28 -2.51 10.65
C GLU B 375 -37.84 -3.00 10.61
N ASN B 376 -37.46 -3.74 11.65
CA ASN B 376 -36.10 -4.27 11.82
C ASN B 376 -35.05 -3.16 11.69
N TYR B 377 -35.42 -1.97 12.13
CA TYR B 377 -34.54 -0.81 12.04
C TYR B 377 -33.37 -0.91 13.01
N VAL B 378 -32.17 -0.65 12.49
CA VAL B 378 -30.96 -0.52 13.31
C VAL B 378 -30.20 0.72 12.82
N GLN B 379 -29.84 1.61 13.74
CA GLN B 379 -29.02 2.77 13.39
C GLN B 379 -27.54 2.37 13.20
N ASP B 380 -26.92 2.89 12.15
CA ASP B 380 -25.49 2.75 11.90
C ASP B 380 -24.73 2.99 13.21
N SER B 381 -23.95 2.01 13.66
CA SER B 381 -23.23 2.13 14.93
C SER B 381 -22.16 3.25 14.91
N LYS B 382 -21.85 3.77 13.73
CA LYS B 382 -20.82 4.81 13.59
C LYS B 382 -21.45 6.20 13.36
N MET B 383 -22.77 6.28 13.56
CA MET B 383 -23.51 7.51 13.27
C MET B 383 -22.95 8.77 13.98
N GLY B 384 -22.65 8.63 15.27
CA GLY B 384 -22.08 9.73 16.07
C GLY B 384 -20.81 10.27 15.42
N PHE B 385 -19.95 9.36 14.97
CA PHE B 385 -18.68 9.77 14.33
C PHE B 385 -18.89 10.47 12.99
N VAL B 386 -19.82 9.96 12.18
CA VAL B 386 -20.12 10.57 10.89
C VAL B 386 -20.53 12.05 11.07
N ILE B 387 -21.41 12.29 12.02
CA ILE B 387 -21.93 13.62 12.27
C ILE B 387 -20.83 14.54 12.83
N ASN B 388 -20.08 14.04 13.80
CA ASN B 388 -18.96 14.79 14.36
C ASN B 388 -17.93 15.18 13.31
N ALA B 389 -17.69 14.29 12.34
CA ALA B 389 -16.77 14.57 11.23
C ALA B 389 -17.28 15.76 10.40
N ILE B 390 -18.60 15.81 10.16
CA ILE B 390 -19.21 16.92 9.40
C ILE B 390 -19.10 18.24 10.19
N TYR B 391 -19.43 18.18 11.48
CA TYR B 391 -19.29 19.37 12.35
C TYR B 391 -17.85 19.83 12.44
N ALA B 392 -16.92 18.87 12.48
CA ALA B 392 -15.49 19.23 12.51
C ALA B 392 -15.15 20.08 11.31
N MET B 393 -15.61 19.67 10.14
CA MET B 393 -15.43 20.47 8.94
C MET B 393 -16.02 21.88 9.08
N ALA B 394 -17.27 21.98 9.55
CA ALA B 394 -17.91 23.29 9.73
C ALA B 394 -17.14 24.18 10.71
N HIS B 395 -16.72 23.61 11.84
CA HIS B 395 -15.96 24.39 12.83
C HIS B 395 -14.61 24.85 12.31
N GLY B 396 -13.96 24.03 11.48
CA GLY B 396 -12.70 24.43 10.85
C GLY B 396 -12.90 25.63 9.94
N LEU B 397 -13.99 25.59 9.18
CA LEU B 397 -14.36 26.70 8.31
C LEU B 397 -14.64 27.96 9.14
N GLN B 398 -15.38 27.82 10.21
CA GLN B 398 -15.71 28.96 11.08
C GLN B 398 -14.46 29.62 11.65
N ASN B 399 -13.51 28.80 12.10
CA ASN B 399 -12.31 29.29 12.72
C ASN B 399 -11.42 30.01 11.72
N MET B 400 -11.35 29.46 10.52
CA MET B 400 -10.68 30.10 9.39
C MET B 400 -11.33 31.47 9.11
N HIS B 401 -12.65 31.51 9.11
CA HIS B 401 -13.36 32.75 8.86
C HIS B 401 -13.10 33.80 9.94
N HIS B 402 -13.19 33.38 11.21
CA HIS B 402 -12.89 34.27 12.35
C HIS B 402 -11.50 34.87 12.17
N ALA B 403 -10.54 34.05 11.73
CA ALA B 403 -9.15 34.51 11.61
C ALA B 403 -8.85 35.31 10.34
N LEU B 404 -9.41 34.87 9.21
CA LEU B 404 -9.09 35.47 7.91
C LEU B 404 -10.07 36.55 7.47
N CYS B 405 -11.30 36.46 7.96
CA CYS B 405 -12.37 37.41 7.59
C CYS B 405 -12.95 38.06 8.87
N PRO B 406 -12.08 38.61 9.73
CA PRO B 406 -12.55 39.07 11.04
C PRO B 406 -13.58 40.20 10.91
N GLY B 407 -14.76 39.99 11.48
CA GLY B 407 -15.82 41.01 11.43
C GLY B 407 -16.66 41.00 10.18
N HIS B 408 -16.24 40.25 9.16
CA HIS B 408 -17.00 40.15 7.93
C HIS B 408 -18.26 39.31 8.07
N VAL B 409 -19.27 39.63 7.27
CA VAL B 409 -20.50 38.85 7.22
C VAL B 409 -20.46 37.98 5.96
N GLY B 410 -20.33 36.67 6.16
CA GLY B 410 -20.10 35.76 5.04
C GLY B 410 -18.66 35.83 4.53
N LEU B 411 -18.42 35.10 3.44
CA LEU B 411 -17.07 34.94 2.90
C LEU B 411 -16.51 36.24 2.39
N CYS B 412 -15.26 36.50 2.75
CA CYS B 412 -14.53 37.65 2.28
C CYS B 412 -13.52 37.18 1.23
N ASP B 413 -12.90 38.14 0.55
CA ASP B 413 -11.92 37.83 -0.50
C ASP B 413 -10.85 36.83 -0.08
N ALA B 414 -10.40 36.93 1.17
CA ALA B 414 -9.35 36.03 1.69
C ALA B 414 -9.76 34.55 1.70
N MET B 415 -11.06 34.28 1.65
CA MET B 415 -11.57 32.90 1.54
C MET B 415 -12.22 32.61 0.17
N LYS B 416 -11.77 33.33 -0.87
CA LYS B 416 -12.23 33.09 -2.25
C LYS B 416 -11.02 32.99 -3.18
N PRO B 417 -10.53 31.76 -3.42
CA PRO B 417 -11.11 30.52 -2.89
C PRO B 417 -10.55 30.13 -1.51
N ILE B 418 -11.13 29.11 -0.90
CA ILE B 418 -10.59 28.56 0.35
C ILE B 418 -9.22 27.93 0.13
N ASP B 419 -8.26 28.36 0.92
CA ASP B 419 -6.90 27.86 0.80
C ASP B 419 -6.78 26.60 1.66
N GLY B 420 -6.76 25.44 1.00
CA GLY B 420 -6.74 24.14 1.67
C GLY B 420 -5.68 23.90 2.73
N SER B 421 -4.46 24.39 2.50
CA SER B 421 -3.40 24.24 3.47
C SER B 421 -3.65 25.05 4.73
N LYS B 422 -4.30 26.19 4.57
CA LYS B 422 -4.68 27.00 5.72
C LYS B 422 -5.83 26.33 6.44
N LEU B 423 -6.80 25.86 5.68
CA LEU B 423 -7.96 25.19 6.30
C LEU B 423 -7.53 23.99 7.15
N LEU B 424 -6.58 23.20 6.63
CA LEU B 424 -5.98 22.11 7.40
C LEU B 424 -5.54 22.55 8.80
N ASP B 425 -4.72 23.60 8.86
N ASP B 425 -4.72 23.60 8.91
CA ASP B 425 -4.23 24.19 10.10
CA ASP B 425 -4.27 24.01 10.24
C ASP B 425 -5.35 24.55 11.06
C ASP B 425 -5.39 24.54 11.12
N PHE B 426 -6.41 25.15 10.54
CA PHE B 426 -7.58 25.59 11.34
C PHE B 426 -8.39 24.40 11.86
N LEU B 427 -8.52 23.38 11.03
CA LEU B 427 -9.17 22.13 11.45
C LEU B 427 -8.43 21.50 12.61
N ILE B 428 -7.10 21.39 12.48
CA ILE B 428 -6.28 20.74 13.49
C ILE B 428 -6.45 21.41 14.90
N LYS B 429 -6.70 22.70 14.91
CA LYS B 429 -6.78 23.48 16.13
C LYS B 429 -8.23 23.68 16.58
N SER B 430 -9.18 23.13 15.84
CA SER B 430 -10.59 23.28 16.20
C SER B 430 -10.97 22.34 17.33
N SER B 431 -11.91 22.78 18.16
CA SER B 431 -12.46 21.92 19.19
C SER B 431 -13.90 22.34 19.43
N PHE B 432 -14.74 21.39 19.78
CA PHE B 432 -16.16 21.66 19.92
C PHE B 432 -16.80 20.53 20.67
N ILE B 433 -18.06 20.73 21.04
CA ILE B 433 -18.84 19.71 21.73
C ILE B 433 -19.58 18.90 20.67
N GLY B 434 -19.33 17.59 20.65
CA GLY B 434 -19.86 16.71 19.62
C GLY B 434 -21.32 16.35 19.84
N VAL B 435 -21.87 15.57 18.92
CA VAL B 435 -23.30 15.27 18.91
C VAL B 435 -23.80 14.56 20.17
N SER B 436 -22.92 13.82 20.86
CA SER B 436 -23.31 13.14 22.10
C SER B 436 -22.78 13.81 23.37
N GLY B 437 -22.34 15.05 23.26
CA GLY B 437 -21.85 15.78 24.43
C GLY B 437 -20.34 15.66 24.69
N GLU B 438 -19.67 14.82 23.90
CA GLU B 438 -18.23 14.61 24.07
C GLU B 438 -17.46 15.81 23.54
N GLU B 439 -16.27 16.05 24.09
CA GLU B 439 -15.38 17.09 23.56
C GLU B 439 -14.59 16.54 22.37
N VAL B 440 -14.74 17.17 21.21
CA VAL B 440 -14.01 16.74 20.02
C VAL B 440 -12.83 17.68 19.80
N TRP B 441 -11.64 17.13 19.63
CA TRP B 441 -10.46 17.93 19.28
C TRP B 441 -9.43 17.00 18.62
N PHE B 442 -8.34 17.57 18.11
CA PHE B 442 -7.33 16.82 17.38
C PHE B 442 -5.94 17.16 17.90
N ASP B 443 -5.06 16.17 17.98
CA ASP B 443 -3.66 16.44 18.36
C ASP B 443 -2.93 16.88 17.10
N GLU B 444 -1.61 17.06 17.20
CA GLU B 444 -0.84 17.59 16.07
C GLU B 444 -0.84 16.65 14.87
N LYS B 445 -1.19 15.39 15.11
CA LYS B 445 -1.24 14.40 14.01
C LYS B 445 -2.65 14.21 13.42
N GLY B 446 -3.62 14.99 13.89
CA GLY B 446 -5.01 14.83 13.45
C GLY B 446 -5.73 13.69 14.14
N ASP B 447 -5.15 13.16 15.20
CA ASP B 447 -5.81 12.05 15.92
C ASP B 447 -6.77 12.49 17.02
N ALA B 448 -7.76 11.65 17.27
CA ALA B 448 -8.91 11.94 18.14
C ALA B 448 -8.76 11.26 19.49
N PRO B 449 -9.44 11.80 20.53
CA PRO B 449 -9.51 11.06 21.79
C PRO B 449 -10.24 9.74 21.58
N GLY B 450 -10.12 8.82 22.54
CA GLY B 450 -10.75 7.49 22.44
C GLY B 450 -11.67 7.17 23.59
N ARG B 451 -12.83 6.60 23.28
CA ARG B 451 -13.76 6.13 24.31
C ARG B 451 -14.18 4.73 23.92
N TYR B 452 -13.88 3.77 24.78
CA TYR B 452 -14.23 2.40 24.50
C TYR B 452 -15.14 1.87 25.59
N ASP B 453 -16.01 0.93 25.22
CA ASP B 453 -16.72 0.12 26.20
C ASP B 453 -15.86 -1.08 26.51
N ILE B 454 -15.92 -1.53 27.76
CA ILE B 454 -15.23 -2.76 28.15
C ILE B 454 -16.28 -3.81 28.44
N MET B 455 -16.14 -4.97 27.81
CA MET B 455 -17.11 -6.04 28.04
C MET B 455 -16.55 -7.38 28.47
N ASN B 456 -17.38 -8.10 29.22
CA ASN B 456 -17.04 -9.37 29.88
C ASN B 456 -18.07 -10.44 29.54
N LEU B 457 -17.60 -11.51 28.90
CA LEU B 457 -18.48 -12.64 28.57
C LEU B 457 -18.84 -13.39 29.85
N GLN B 458 -20.15 -13.49 30.11
CA GLN B 458 -20.67 -14.10 31.34
C GLN B 458 -21.83 -15.05 31.06
N TYR B 459 -22.01 -16.03 31.95
CA TYR B 459 -23.23 -16.83 32.00
C TYR B 459 -24.24 -16.05 32.88
N THR B 460 -25.33 -15.63 32.26
CA THR B 460 -26.30 -14.71 32.88
C THR B 460 -27.11 -15.32 34.04
N GLU B 461 -27.84 -14.46 34.76
CA GLU B 461 -28.77 -14.92 35.80
C GLU B 461 -30.01 -15.58 35.19
N ALA B 462 -29.92 -15.90 33.89
CA ALA B 462 -30.90 -16.73 33.20
C ALA B 462 -30.26 -18.09 32.90
N ASN B 463 -30.01 -18.36 31.62
CA ASN B 463 -29.25 -19.54 31.18
C ASN B 463 -28.54 -19.26 29.86
N ARG B 464 -28.30 -17.97 29.58
CA ARG B 464 -27.69 -17.54 28.32
C ARG B 464 -26.31 -16.91 28.53
N TYR B 465 -25.43 -17.08 27.55
CA TYR B 465 -24.13 -16.41 27.54
C TYR B 465 -24.25 -15.02 26.90
N ASP B 466 -23.87 -14.00 27.67
CA ASP B 466 -23.98 -12.61 27.24
C ASP B 466 -22.66 -11.84 27.40
N TYR B 467 -22.44 -10.90 26.49
CA TYR B 467 -21.37 -9.91 26.64
C TYR B 467 -21.88 -8.81 27.54
N VAL B 468 -21.41 -8.79 28.79
CA VAL B 468 -21.90 -7.82 29.77
C VAL B 468 -21.00 -6.58 29.81
N HIS B 469 -21.64 -5.40 29.84
CA HIS B 469 -20.94 -4.13 29.96
C HIS B 469 -20.40 -3.96 31.38
N VAL B 470 -19.08 -3.97 31.53
CA VAL B 470 -18.46 -3.88 32.85
C VAL B 470 -17.73 -2.57 33.13
N GLY B 471 -17.52 -1.78 32.08
CA GLY B 471 -16.88 -0.49 32.27
C GLY B 471 -16.54 0.24 31.00
N THR B 472 -15.78 1.31 31.15
CA THR B 472 -15.39 2.18 30.06
C THR B 472 -13.90 2.57 30.19
N TRP B 473 -13.31 2.91 29.07
CA TRP B 473 -12.02 3.60 29.06
C TRP B 473 -12.29 4.90 28.36
N HIS B 474 -12.18 5.97 29.12
CA HIS B 474 -12.59 7.30 28.70
C HIS B 474 -11.37 8.19 28.67
N GLU B 475 -10.80 8.34 27.48
CA GLU B 475 -9.71 9.29 27.24
C GLU B 475 -8.56 9.19 28.26
N GLY B 476 -8.10 7.97 28.52
CA GLY B 476 -7.00 7.72 29.47
C GLY B 476 -7.44 7.26 30.85
N VAL B 477 -8.74 7.33 31.13
CA VAL B 477 -9.27 6.97 32.44
C VAL B 477 -10.04 5.66 32.36
N LEU B 478 -9.54 4.64 33.07
CA LEU B 478 -10.19 3.35 33.13
C LEU B 478 -11.18 3.26 34.30
N ASN B 479 -12.40 2.85 34.00
CA ASN B 479 -13.45 2.69 35.00
C ASN B 479 -14.16 1.36 34.87
N ILE B 480 -14.00 0.50 35.88
CA ILE B 480 -14.57 -0.84 35.91
C ILE B 480 -15.41 -1.06 37.18
N ASP B 481 -16.50 -1.84 37.04
CA ASP B 481 -17.35 -2.22 38.18
C ASP B 481 -17.32 -3.73 38.46
N ASP B 482 -17.26 -4.11 39.75
CA ASP B 482 -17.14 -5.53 40.13
C ASP B 482 -18.46 -6.32 39.99
#